data_2FME
#
_entry.id   2FME
#
_cell.length_a   159.800
_cell.length_b   80.000
_cell.length_c   69.200
_cell.angle_alpha   90.00
_cell.angle_beta   96.50
_cell.angle_gamma   90.00
#
_symmetry.space_group_name_H-M   'C 1 2 1'
#
loop_
_entity.id
_entity.type
_entity.pdbx_description
1 polymer 'Kinesin-like protein KIF11'
2 non-polymer 'MAGNESIUM ION'
3 non-polymer (4R)-4-(3-HYDROXYPHENYL)-N,N,7,8-TETRAMETHYL-3,4-DIHYDROISOQUINOLINE-2(1H)-CARBOXAMIDE
4 non-polymer "ADENOSINE-5'-DIPHOSPHATE"
5 water water
#
_entity_poly.entity_id   1
_entity_poly.type   'polypeptide(L)'
_entity_poly.pdbx_seq_one_letter_code
;MASQPNSSAKKKEEKGKNIQVVVRCRPFNLAERKASAHSIVECDPVRKEVSVRTGGLADKSSRKTYTFDMVFGASTKQID
VYRSVVCPILDEVIMGYNCTIFAYGQTGTGKTFTMEGERSPNEEYTWEEDPLAGIIPRTLHQIFEKLTDNGTEFSVKVSL
LEIYNEELFDLLNPSSDVSERLQMFDDPRNKRGVIIKGLEEITVHNKDEVYQILEKGAAKRTTAATLMNAYSSRSHSVFS
VTIHMKETTIDGEELVKIGKLNLVDLAGSENIGRSGAVDKRAREAGNINQSLLTLGRVITALVERTPHVPYRESKLTRIL
QDSLGGRTRTSIIATISPASLNLEETLSTLEYAHRAKNILNKPEVNQK
;
_entity_poly.pdbx_strand_id   A,B
#
loop_
_chem_comp.id
_chem_comp.type
_chem_comp.name
_chem_comp.formula
3QC non-polymer (4R)-4-(3-HYDROXYPHENYL)-N,N,7,8-TETRAMETHYL-3,4-DIHYDROISOQUINOLINE-2(1H)-CARBOXAMIDE 'C20 H24 N2 O2'
ADP non-polymer ADENOSINE-5'-DIPHOSPHATE 'C10 H15 N5 O10 P2'
MG non-polymer 'MAGNESIUM ION' 'Mg 2'
#
# COMPACT_ATOMS: atom_id res chain seq x y z
N LYS A 17 -14.08 -17.13 20.83
CA LYS A 17 -14.97 -17.60 19.73
C LYS A 17 -14.18 -17.78 18.44
N ASN A 18 -14.34 -16.85 17.50
CA ASN A 18 -13.62 -16.97 16.23
C ASN A 18 -12.17 -17.36 16.43
N ILE A 19 -11.69 -18.25 15.58
CA ILE A 19 -10.30 -18.66 15.66
C ILE A 19 -9.47 -17.46 15.23
N GLN A 20 -8.36 -17.19 15.92
CA GLN A 20 -7.55 -16.05 15.56
C GLN A 20 -6.46 -16.44 14.58
N VAL A 21 -6.26 -15.60 13.56
CA VAL A 21 -5.27 -15.89 12.56
C VAL A 21 -4.31 -14.72 12.42
N VAL A 22 -3.03 -15.04 12.37
CA VAL A 22 -2.00 -14.03 12.25
C VAL A 22 -1.04 -14.46 11.17
N VAL A 23 -0.39 -13.49 10.53
CA VAL A 23 0.55 -13.80 9.46
C VAL A 23 1.96 -13.40 9.85
N ARG A 24 2.94 -14.22 9.50
CA ARG A 24 4.32 -13.90 9.80
C ARG A 24 5.18 -14.12 8.56
N CYS A 25 5.79 -13.05 8.09
CA CYS A 25 6.66 -13.11 6.92
C CYS A 25 8.10 -13.26 7.36
N ARG A 26 8.82 -14.20 6.77
CA ARG A 26 10.22 -14.38 7.13
C ARG A 26 11.05 -13.35 6.35
N PRO A 27 12.25 -13.03 6.84
CA PRO A 27 13.06 -12.07 6.11
C PRO A 27 13.83 -12.83 5.05
N PHE A 28 14.46 -12.09 4.13
CA PHE A 28 15.26 -12.70 3.06
C PHE A 28 16.48 -13.42 3.60
N ASN A 29 16.96 -14.44 2.87
CA ASN A 29 18.14 -15.21 3.28
C ASN A 29 19.22 -15.17 2.20
N LEU A 30 20.36 -14.54 2.52
CA LEU A 30 21.51 -14.40 1.60
C LEU A 30 21.24 -14.82 0.16
N ALA A 31 21.17 -16.13 -0.06
CA ALA A 31 20.91 -16.63 -1.40
C ALA A 31 19.56 -16.16 -1.88
N GLU A 32 19.00 -15.13 -1.24
CA GLU A 32 17.70 -14.63 -1.66
C GLU A 32 17.69 -13.32 -2.39
N ARG A 33 18.83 -13.00 -3.00
CA ARG A 33 18.94 -11.77 -3.78
C ARG A 33 19.78 -12.23 -4.96
N LYS A 34 19.98 -13.54 -5.01
CA LYS A 34 20.77 -14.21 -6.05
C LYS A 34 19.93 -14.49 -7.27
N ALA A 35 19.02 -15.45 -7.11
CA ALA A 35 18.12 -15.92 -8.16
C ALA A 35 17.11 -14.90 -8.66
N SER A 36 17.43 -13.62 -8.55
CA SER A 36 16.51 -12.57 -8.99
C SER A 36 15.15 -12.69 -8.30
N ALA A 37 14.88 -11.76 -7.40
CA ALA A 37 13.61 -11.73 -6.66
C ALA A 37 13.59 -10.49 -5.78
N HIS A 38 12.45 -9.81 -5.75
CA HIS A 38 12.26 -8.60 -4.94
C HIS A 38 11.14 -8.85 -3.93
N SER A 39 11.14 -8.11 -2.82
CA SER A 39 10.10 -8.31 -1.84
C SER A 39 8.75 -7.86 -2.36
N ILE A 40 7.86 -8.82 -2.58
CA ILE A 40 6.54 -8.52 -3.08
C ILE A 40 5.50 -8.47 -1.96
N VAL A 41 5.97 -8.52 -0.72
CA VAL A 41 5.09 -8.50 0.44
C VAL A 41 5.26 -7.27 1.32
N GLU A 42 4.15 -6.62 1.64
CA GLU A 42 4.17 -5.44 2.48
C GLU A 42 3.24 -5.72 3.66
N CYS A 43 3.80 -5.71 4.87
CA CYS A 43 3.02 -5.96 6.07
C CYS A 43 2.81 -4.67 6.86
N ASP A 44 1.57 -4.43 7.26
CA ASP A 44 1.26 -3.24 8.04
C ASP A 44 0.62 -3.64 9.36
N PRO A 45 1.43 -3.78 10.41
CA PRO A 45 1.07 -4.16 11.78
C PRO A 45 -0.07 -3.37 12.40
N VAL A 46 -0.06 -2.05 12.23
CA VAL A 46 -1.09 -1.20 12.81
C VAL A 46 -2.44 -1.42 12.13
N ARG A 47 -2.38 -1.66 10.83
CA ARG A 47 -3.61 -1.87 10.06
C ARG A 47 -3.90 -3.35 9.92
N LYS A 48 -3.00 -4.18 10.43
CA LYS A 48 -3.18 -5.62 10.40
C LYS A 48 -3.45 -6.11 8.99
N GLU A 49 -2.74 -5.53 8.03
CA GLU A 49 -2.89 -5.90 6.64
C GLU A 49 -1.60 -6.45 6.07
N VAL A 50 -1.73 -7.32 5.07
CA VAL A 50 -0.58 -7.85 4.37
C VAL A 50 -0.94 -7.57 2.92
N SER A 51 -0.03 -6.92 2.20
CA SER A 51 -0.29 -6.60 0.81
C SER A 51 0.72 -7.33 -0.08
N VAL A 52 0.23 -7.95 -1.14
CA VAL A 52 1.09 -8.71 -2.04
C VAL A 52 1.13 -8.13 -3.45
N ARG A 53 2.34 -7.96 -3.98
CA ARG A 53 2.51 -7.45 -5.34
C ARG A 53 2.31 -8.68 -6.23
N THR A 54 1.13 -8.79 -6.84
CA THR A 54 0.80 -9.94 -7.68
C THR A 54 1.00 -9.63 -9.14
N GLY A 55 1.24 -8.36 -9.42
CA GLY A 55 1.40 -7.89 -10.78
C GLY A 55 2.49 -8.53 -11.62
N GLY A 56 2.14 -8.78 -12.88
CA GLY A 56 3.08 -9.38 -13.81
C GLY A 56 3.03 -8.70 -15.16
N SER A 61 1.62 -2.82 -11.40
CA SER A 61 1.48 -2.41 -10.00
C SER A 61 0.15 -2.87 -9.40
N SER A 62 -0.20 -4.15 -9.56
CA SER A 62 -1.44 -4.64 -8.99
C SER A 62 -1.12 -5.39 -7.71
N ARG A 63 -2.12 -5.57 -6.85
CA ARG A 63 -1.85 -6.29 -5.61
C ARG A 63 -3.11 -6.75 -4.91
N LYS A 64 -2.92 -7.68 -3.98
CA LYS A 64 -4.00 -8.23 -3.20
C LYS A 64 -3.67 -8.01 -1.73
N THR A 65 -4.63 -7.52 -0.98
CA THR A 65 -4.41 -7.23 0.43
C THR A 65 -5.39 -8.04 1.28
N TYR A 66 -4.95 -8.39 2.48
CA TYR A 66 -5.78 -9.18 3.39
C TYR A 66 -5.59 -8.64 4.78
N THR A 67 -6.66 -8.65 5.58
CA THR A 67 -6.57 -8.18 6.95
C THR A 67 -6.64 -9.40 7.84
N PHE A 68 -5.81 -9.44 8.87
CA PHE A 68 -5.80 -10.55 9.80
C PHE A 68 -5.90 -10.02 11.22
N ASP A 69 -6.05 -10.92 12.17
CA ASP A 69 -6.14 -10.53 13.56
C ASP A 69 -4.84 -9.88 13.97
N MET A 70 -3.76 -10.29 13.31
CA MET A 70 -2.43 -9.72 13.56
C MET A 70 -1.53 -10.02 12.35
N VAL A 71 -0.57 -9.13 12.11
CA VAL A 71 0.37 -9.31 11.02
C VAL A 71 1.75 -8.94 11.56
N PHE A 72 2.71 -9.83 11.36
CA PHE A 72 4.07 -9.63 11.81
C PHE A 72 4.97 -9.62 10.59
N GLY A 73 5.72 -8.53 10.44
CA GLY A 73 6.61 -8.40 9.30
C GLY A 73 7.94 -9.12 9.46
N ALA A 74 8.71 -9.12 8.38
CA ALA A 74 10.01 -9.78 8.35
C ALA A 74 10.93 -9.42 9.50
N SER A 75 10.78 -8.21 10.04
CA SER A 75 11.63 -7.78 11.15
C SER A 75 11.19 -8.35 12.51
N THR A 76 10.00 -8.93 12.56
CA THR A 76 9.48 -9.48 13.80
C THR A 76 10.44 -10.49 14.41
N LYS A 77 10.75 -10.33 15.69
CA LYS A 77 11.65 -11.24 16.38
C LYS A 77 10.84 -12.21 17.24
N GLN A 78 11.46 -13.33 17.63
CA GLN A 78 10.80 -14.36 18.42
C GLN A 78 10.11 -13.81 19.67
N ILE A 79 10.80 -12.97 20.43
CA ILE A 79 10.24 -12.40 21.64
C ILE A 79 8.97 -11.61 21.34
N ASP A 80 8.93 -10.95 20.19
CA ASP A 80 7.76 -10.19 19.78
C ASP A 80 6.56 -11.13 19.59
N VAL A 81 6.82 -12.28 18.97
CA VAL A 81 5.75 -13.25 18.73
C VAL A 81 5.22 -13.82 20.04
N TYR A 82 6.12 -14.13 20.95
CA TYR A 82 5.72 -14.70 22.23
C TYR A 82 4.87 -13.69 23.01
N ARG A 83 5.44 -12.51 23.23
CA ARG A 83 4.75 -11.47 23.98
C ARG A 83 3.36 -11.16 23.43
N SER A 84 3.27 -10.99 22.12
CA SER A 84 1.99 -10.65 21.50
C SER A 84 0.99 -11.75 21.31
N VAL A 85 1.47 -12.94 20.96
CA VAL A 85 0.58 -14.05 20.73
C VAL A 85 0.53 -15.08 21.85
N VAL A 86 1.70 -15.61 22.20
CA VAL A 86 1.76 -16.65 23.21
C VAL A 86 1.39 -16.34 24.65
N CYS A 87 1.99 -15.29 25.22
CA CYS A 87 1.71 -14.94 26.61
C CYS A 87 0.21 -14.96 26.90
N PRO A 88 -0.58 -14.23 26.10
CA PRO A 88 -2.04 -14.18 26.28
C PRO A 88 -2.65 -15.59 26.32
N ILE A 89 -2.26 -16.42 25.37
CA ILE A 89 -2.76 -17.78 25.28
C ILE A 89 -2.34 -18.64 26.47
N LEU A 90 -1.09 -18.49 26.92
CA LEU A 90 -0.61 -19.27 28.05
C LEU A 90 -1.42 -18.91 29.30
N ASP A 91 -1.73 -17.62 29.48
CA ASP A 91 -2.52 -17.22 30.64
C ASP A 91 -3.83 -18.02 30.60
N GLU A 92 -4.42 -18.15 29.41
CA GLU A 92 -5.66 -18.90 29.23
C GLU A 92 -5.48 -20.36 29.65
N VAL A 93 -4.38 -20.95 29.24
CA VAL A 93 -4.11 -22.33 29.58
C VAL A 93 -4.05 -22.49 31.10
N ILE A 94 -3.32 -21.58 31.75
CA ILE A 94 -3.18 -21.64 33.20
C ILE A 94 -4.52 -21.47 33.91
N MET A 95 -5.51 -20.90 33.23
CA MET A 95 -6.83 -20.72 33.81
C MET A 95 -7.66 -21.99 33.73
N GLY A 96 -7.16 -22.96 32.96
CA GLY A 96 -7.87 -24.21 32.82
C GLY A 96 -8.52 -24.43 31.47
N TYR A 97 -8.15 -23.62 30.48
CA TYR A 97 -8.71 -23.75 29.12
C TYR A 97 -7.77 -24.61 28.28
N ASN A 98 -8.30 -25.18 27.21
CA ASN A 98 -7.48 -25.97 26.29
C ASN A 98 -7.16 -24.96 25.18
N CYS A 99 -5.90 -24.94 24.73
CA CYS A 99 -5.53 -24.02 23.66
C CYS A 99 -4.63 -24.69 22.65
N THR A 100 -4.76 -24.26 21.40
CA THR A 100 -3.96 -24.82 20.33
C THR A 100 -3.45 -23.73 19.41
N ILE A 101 -2.22 -23.89 18.95
CA ILE A 101 -1.62 -22.94 18.03
C ILE A 101 -1.06 -23.71 16.84
N PHE A 102 -1.53 -23.37 15.64
CA PHE A 102 -1.07 -24.00 14.40
C PHE A 102 -0.09 -23.09 13.65
N ALA A 103 0.85 -23.71 12.95
CA ALA A 103 1.79 -22.98 12.10
C ALA A 103 1.50 -23.61 10.73
N TYR A 104 1.05 -22.78 9.79
CA TYR A 104 0.70 -23.21 8.44
C TYR A 104 1.40 -22.38 7.37
N GLY A 105 1.97 -23.05 6.38
CA GLY A 105 2.65 -22.36 5.31
C GLY A 105 3.55 -23.29 4.52
N GLN A 106 4.10 -22.82 3.41
CA GLN A 106 4.96 -23.69 2.63
C GLN A 106 6.29 -23.94 3.31
N THR A 107 6.91 -25.06 2.94
CA THR A 107 8.21 -25.42 3.48
C THR A 107 9.17 -24.26 3.19
N GLY A 108 9.95 -23.87 4.18
CA GLY A 108 10.90 -22.78 3.98
C GLY A 108 10.44 -21.40 4.41
N THR A 109 9.23 -21.27 4.96
CA THR A 109 8.77 -19.94 5.36
C THR A 109 8.88 -19.65 6.85
N GLY A 110 9.25 -20.67 7.63
CA GLY A 110 9.44 -20.48 9.05
C GLY A 110 8.43 -21.07 10.03
N LYS A 111 7.79 -22.17 9.67
CA LYS A 111 6.83 -22.83 10.55
C LYS A 111 7.56 -23.37 11.77
N THR A 112 8.61 -24.15 11.56
CA THR A 112 9.38 -24.70 12.66
C THR A 112 10.13 -23.58 13.39
N PHE A 113 10.64 -22.61 12.64
CA PHE A 113 11.37 -21.52 13.27
C PHE A 113 10.49 -20.83 14.29
N THR A 114 9.23 -20.63 13.95
CA THR A 114 8.30 -19.98 14.86
C THR A 114 7.87 -20.86 16.03
N MET A 115 7.46 -22.08 15.75
CA MET A 115 7.00 -22.98 16.80
C MET A 115 8.09 -23.53 17.71
N GLU A 116 9.25 -23.84 17.15
CA GLU A 116 10.35 -24.40 17.94
C GLU A 116 11.53 -23.43 18.10
N GLY A 117 11.97 -22.84 16.99
CA GLY A 117 13.09 -21.93 17.04
C GLY A 117 14.40 -22.65 16.77
N GLU A 118 15.51 -21.91 16.91
CA GLU A 118 16.83 -22.46 16.67
C GLU A 118 17.81 -21.96 17.74
N ARG A 119 19.02 -22.52 17.74
CA ARG A 119 20.05 -22.10 18.68
C ARG A 119 20.94 -21.06 18.00
N SER A 120 21.27 -20.00 18.72
CA SER A 120 22.15 -19.00 18.16
C SER A 120 23.50 -19.71 18.06
N PRO A 121 24.30 -19.33 17.04
CA PRO A 121 25.62 -19.89 16.75
C PRO A 121 26.69 -19.65 17.83
N ASN A 122 27.78 -20.38 17.71
CA ASN A 122 28.92 -20.27 18.59
C ASN A 122 28.62 -20.37 20.07
N GLU A 123 27.55 -21.06 20.44
CA GLU A 123 27.18 -21.22 21.84
C GLU A 123 27.13 -19.89 22.59
N GLU A 124 26.61 -18.85 21.94
CA GLU A 124 26.57 -17.55 22.62
C GLU A 124 25.61 -17.51 23.81
N TYR A 125 24.48 -18.21 23.72
CA TYR A 125 23.51 -18.21 24.80
C TYR A 125 23.10 -19.60 25.26
N THR A 126 22.52 -19.65 26.46
CA THR A 126 22.01 -20.90 26.99
C THR A 126 20.59 -20.91 26.40
N TRP A 127 19.94 -22.05 26.37
CA TRP A 127 18.62 -22.15 25.75
C TRP A 127 17.54 -21.19 26.26
N GLU A 128 17.48 -21.00 27.58
CA GLU A 128 16.49 -20.12 28.17
C GLU A 128 16.57 -18.66 27.73
N GLU A 129 17.75 -18.22 27.27
CA GLU A 129 17.93 -16.83 26.85
C GLU A 129 18.25 -16.68 25.38
N ASP A 130 18.17 -17.78 24.63
CA ASP A 130 18.48 -17.69 23.21
C ASP A 130 17.40 -16.89 22.51
N PRO A 131 17.77 -15.75 21.91
CA PRO A 131 16.78 -14.92 21.21
C PRO A 131 16.13 -15.65 20.03
N LEU A 132 16.75 -16.75 19.59
CA LEU A 132 16.18 -17.53 18.48
C LEU A 132 15.26 -18.64 18.94
N ALA A 133 15.11 -18.80 20.26
CA ALA A 133 14.23 -19.81 20.79
C ALA A 133 12.82 -19.47 20.31
N GLY A 134 12.06 -20.51 19.94
CA GLY A 134 10.71 -20.31 19.46
C GLY A 134 9.66 -20.43 20.55
N ILE A 135 8.41 -20.64 20.14
CA ILE A 135 7.29 -20.73 21.06
C ILE A 135 7.32 -21.83 22.13
N ILE A 136 7.61 -23.07 21.72
CA ILE A 136 7.66 -24.19 22.64
C ILE A 136 8.62 -24.00 23.83
N PRO A 137 9.91 -23.74 23.55
CA PRO A 137 10.86 -23.55 24.66
C PRO A 137 10.50 -22.39 25.58
N ARG A 138 10.09 -21.26 24.99
CA ARG A 138 9.71 -20.10 25.79
C ARG A 138 8.51 -20.41 26.67
N THR A 139 7.54 -21.11 26.10
CA THR A 139 6.34 -21.47 26.85
C THR A 139 6.68 -22.30 28.08
N LEU A 140 7.43 -23.38 27.86
CA LEU A 140 7.83 -24.27 28.95
C LEU A 140 8.53 -23.48 30.06
N HIS A 141 9.51 -22.68 29.69
CA HIS A 141 10.23 -21.89 30.66
C HIS A 141 9.32 -20.94 31.44
N GLN A 142 8.40 -20.29 30.74
CA GLN A 142 7.50 -19.34 31.37
C GLN A 142 6.47 -19.96 32.32
N ILE A 143 6.09 -21.20 32.07
CA ILE A 143 5.11 -21.84 32.94
C ILE A 143 5.66 -21.87 34.36
N PHE A 144 6.93 -22.26 34.47
CA PHE A 144 7.57 -22.39 35.78
C PHE A 144 7.76 -21.05 36.49
N GLU A 145 7.93 -19.99 35.73
CA GLU A 145 8.11 -18.66 36.29
C GLU A 145 6.77 -18.12 36.79
N LYS A 146 5.74 -18.27 35.97
CA LYS A 146 4.43 -17.77 36.34
C LYS A 146 3.79 -18.53 37.49
N LEU A 147 4.11 -19.81 37.64
CA LEU A 147 3.53 -20.61 38.71
C LEU A 147 4.56 -20.89 39.80
N THR A 148 5.38 -19.92 40.12
CA THR A 148 6.39 -20.17 41.14
C THR A 148 6.12 -19.66 42.55
N ASP A 149 5.52 -18.47 42.69
CA ASP A 149 5.24 -17.91 44.03
C ASP A 149 3.73 -17.73 44.33
N ASN A 150 2.93 -17.61 43.28
CA ASN A 150 1.48 -17.39 43.40
C ASN A 150 0.80 -18.39 44.31
N GLY A 151 -0.26 -19.01 43.81
CA GLY A 151 -0.95 -20.01 44.59
C GLY A 151 0.15 -21.04 44.75
N THR A 152 0.13 -22.07 43.90
CA THR A 152 1.15 -23.13 43.91
C THR A 152 0.58 -24.53 43.63
N GLU A 153 1.47 -25.52 43.56
CA GLU A 153 1.05 -26.90 43.31
C GLU A 153 0.60 -27.08 41.87
N PHE A 154 1.47 -27.68 41.06
CA PHE A 154 1.16 -27.92 39.66
C PHE A 154 2.17 -28.90 39.12
N SER A 155 1.82 -29.56 38.02
CA SER A 155 2.72 -30.51 37.38
C SER A 155 2.62 -30.30 35.88
N VAL A 156 3.74 -30.45 35.19
CA VAL A 156 3.78 -30.28 33.74
C VAL A 156 4.24 -31.56 33.04
N LYS A 157 3.50 -31.98 32.02
CA LYS A 157 3.89 -33.17 31.28
C LYS A 157 3.80 -32.84 29.79
N VAL A 158 4.83 -33.24 29.05
CA VAL A 158 4.87 -32.98 27.62
C VAL A 158 4.94 -34.27 26.82
N SER A 159 4.49 -34.17 25.57
CA SER A 159 4.53 -35.29 24.64
C SER A 159 4.74 -34.69 23.26
N LEU A 160 5.49 -35.40 22.42
CA LEU A 160 5.75 -34.93 21.07
C LEU A 160 5.50 -36.06 20.10
N LEU A 161 4.35 -36.00 19.45
CA LEU A 161 4.03 -37.03 18.48
C LEU A 161 4.02 -36.41 17.10
N GLU A 162 4.55 -37.14 16.14
CA GLU A 162 4.60 -36.67 14.78
C GLU A 162 3.86 -37.63 13.87
N ILE A 163 3.13 -37.07 12.92
CA ILE A 163 2.38 -37.85 11.97
C ILE A 163 3.06 -37.77 10.61
N TYR A 164 3.30 -38.94 10.02
CA TYR A 164 3.93 -39.01 8.71
C TYR A 164 3.28 -40.15 7.93
N ASN A 165 2.71 -39.84 6.77
CA ASN A 165 2.08 -40.88 5.95
C ASN A 165 0.99 -41.59 6.75
N GLU A 166 0.27 -40.81 7.56
CA GLU A 166 -0.80 -41.30 8.42
C GLU A 166 -0.39 -42.28 9.51
N GLU A 167 0.89 -42.27 9.87
CA GLU A 167 1.40 -43.12 10.93
C GLU A 167 1.91 -42.21 12.04
N LEU A 168 1.79 -42.65 13.28
CA LEU A 168 2.19 -41.87 14.44
C LEU A 168 3.51 -42.28 15.09
N PHE A 169 4.38 -41.30 15.27
CA PHE A 169 5.68 -41.54 15.87
C PHE A 169 5.87 -40.75 17.16
N ASP A 170 6.39 -41.43 18.17
CA ASP A 170 6.65 -40.83 19.47
C ASP A 170 8.11 -40.38 19.49
N LEU A 171 8.34 -39.09 19.50
CA LEU A 171 9.71 -38.59 19.52
C LEU A 171 10.30 -38.43 20.92
N LEU A 172 9.53 -38.79 21.93
CA LEU A 172 9.99 -38.64 23.31
C LEU A 172 10.18 -39.95 24.08
N ASN A 173 9.91 -41.08 23.47
CA ASN A 173 10.10 -42.33 24.19
C ASN A 173 11.59 -42.67 24.16
N PRO A 174 12.17 -42.95 25.35
CA PRO A 174 13.59 -43.29 25.43
C PRO A 174 13.75 -44.79 25.33
N SER A 175 12.73 -45.50 25.76
CA SER A 175 12.75 -46.95 25.75
C SER A 175 12.17 -47.51 24.47
N SER A 176 12.18 -46.72 23.40
CA SER A 176 11.64 -47.20 22.14
C SER A 176 12.27 -46.55 20.91
N ASP A 177 12.36 -47.33 19.83
CA ASP A 177 12.93 -46.86 18.57
C ASP A 177 11.91 -45.92 17.91
N VAL A 178 12.36 -44.75 17.47
CA VAL A 178 11.44 -43.80 16.83
C VAL A 178 10.57 -44.45 15.77
N SER A 179 11.09 -45.49 15.13
CA SER A 179 10.36 -46.19 14.08
C SER A 179 9.20 -47.09 14.52
N GLU A 180 8.93 -47.17 15.81
CA GLU A 180 7.83 -47.99 16.31
C GLU A 180 6.57 -47.14 16.16
N ARG A 181 5.65 -47.48 15.26
CA ARG A 181 4.47 -46.62 15.16
C ARG A 181 3.45 -46.87 16.27
N LEU A 182 2.72 -45.82 16.62
CA LEU A 182 1.70 -45.88 17.66
C LEU A 182 0.33 -46.07 17.04
N GLN A 183 -0.57 -46.70 17.78
CA GLN A 183 -1.93 -46.94 17.32
C GLN A 183 -2.89 -46.08 18.14
N MET A 184 -3.90 -45.51 17.49
CA MET A 184 -4.86 -44.67 18.20
C MET A 184 -6.25 -45.30 18.23
N PHE A 185 -7.00 -45.01 19.28
CA PHE A 185 -8.34 -45.55 19.41
C PHE A 185 -9.28 -44.44 19.85
N ASP A 186 -10.58 -44.66 19.68
CA ASP A 186 -11.54 -43.66 20.13
C ASP A 186 -11.53 -43.79 21.64
N ASP A 187 -11.68 -42.67 22.35
CA ASP A 187 -11.68 -42.72 23.80
C ASP A 187 -13.08 -43.07 24.31
N PRO A 188 -13.26 -44.31 24.81
CA PRO A 188 -14.59 -44.66 25.31
C PRO A 188 -15.12 -43.67 26.35
N ARG A 189 -14.21 -42.94 26.99
CA ARG A 189 -14.62 -41.95 27.97
C ARG A 189 -14.82 -40.61 27.28
N ASN A 190 -14.77 -40.61 25.95
CA ASN A 190 -14.94 -39.36 25.20
C ASN A 190 -16.11 -39.42 24.21
N LYS A 191 -15.80 -39.10 22.96
CA LYS A 191 -16.78 -39.06 21.88
C LYS A 191 -16.07 -38.33 20.75
N ARG A 192 -15.29 -37.33 21.13
CA ARG A 192 -14.54 -36.54 20.19
C ARG A 192 -13.06 -36.70 20.51
N GLY A 193 -12.77 -37.57 21.48
CA GLY A 193 -11.40 -37.80 21.88
C GLY A 193 -10.88 -39.14 21.42
N VAL A 194 -9.56 -39.28 21.38
CA VAL A 194 -8.94 -40.53 20.97
C VAL A 194 -7.85 -40.86 21.98
N ILE A 195 -7.40 -42.10 21.95
CA ILE A 195 -6.33 -42.53 22.84
C ILE A 195 -5.15 -43.00 22.03
N ILE A 196 -3.98 -42.43 22.28
CA ILE A 196 -2.79 -42.83 21.54
C ILE A 196 -2.03 -43.82 22.41
N LYS A 197 -2.32 -45.09 22.19
CA LYS A 197 -1.68 -46.16 22.94
C LYS A 197 -0.16 -46.13 22.88
N GLY A 198 0.48 -46.01 24.03
CA GLY A 198 1.92 -46.01 24.10
C GLY A 198 2.62 -44.65 24.03
N LEU A 199 1.85 -43.58 23.94
CA LEU A 199 2.43 -42.24 23.85
C LEU A 199 3.14 -41.84 25.14
N GLU A 200 4.42 -41.49 25.03
CA GLU A 200 5.17 -41.08 26.22
C GLU A 200 4.83 -39.68 26.68
N GLU A 201 4.40 -39.56 27.93
CA GLU A 201 4.08 -38.27 28.52
C GLU A 201 5.18 -38.05 29.53
N ILE A 202 6.03 -37.05 29.30
CA ILE A 202 7.14 -36.79 30.21
C ILE A 202 6.85 -35.70 31.24
N THR A 203 7.11 -36.01 32.51
CA THR A 203 6.89 -35.05 33.58
C THR A 203 8.06 -34.09 33.64
N VAL A 204 7.79 -32.80 33.51
CA VAL A 204 8.86 -31.80 33.58
C VAL A 204 8.85 -31.20 34.97
N HIS A 205 9.68 -31.77 35.84
CA HIS A 205 9.73 -31.33 37.24
C HIS A 205 10.11 -29.87 37.45
N ASN A 206 11.07 -29.38 36.68
CA ASN A 206 11.51 -27.99 36.78
C ASN A 206 12.13 -27.54 35.48
N LYS A 207 12.29 -26.22 35.33
CA LYS A 207 12.84 -25.63 34.12
C LYS A 207 14.18 -26.25 33.72
N ASP A 208 14.91 -26.77 34.71
CA ASP A 208 16.21 -27.35 34.44
C ASP A 208 16.20 -28.69 33.69
N GLU A 209 15.05 -29.30 33.50
CA GLU A 209 15.03 -30.55 32.74
C GLU A 209 14.30 -30.42 31.40
N VAL A 210 13.93 -29.20 31.04
CA VAL A 210 13.24 -28.94 29.80
C VAL A 210 14.13 -29.20 28.60
N TYR A 211 15.28 -28.53 28.56
CA TYR A 211 16.17 -28.65 27.41
C TYR A 211 16.56 -30.07 26.98
N GLN A 212 16.96 -30.91 27.93
CA GLN A 212 17.37 -32.26 27.60
C GLN A 212 16.23 -33.00 26.89
N ILE A 213 15.00 -32.75 27.30
CA ILE A 213 13.85 -33.39 26.67
C ILE A 213 13.77 -32.95 25.21
N LEU A 214 14.08 -31.68 24.96
CA LEU A 214 14.04 -31.16 23.61
C LEU A 214 15.16 -31.79 22.79
N GLU A 215 16.34 -31.92 23.38
CA GLU A 215 17.46 -32.52 22.68
C GLU A 215 17.13 -33.97 22.29
N LYS A 216 16.44 -34.67 23.19
CA LYS A 216 16.05 -36.05 22.95
C LYS A 216 15.10 -36.07 21.77
N GLY A 217 14.17 -35.13 21.76
CA GLY A 217 13.23 -35.07 20.66
C GLY A 217 13.96 -34.79 19.36
N ALA A 218 14.91 -33.86 19.43
CA ALA A 218 15.69 -33.47 18.26
C ALA A 218 16.45 -34.67 17.69
N ALA A 219 17.03 -35.46 18.59
CA ALA A 219 17.79 -36.64 18.17
C ALA A 219 16.93 -37.68 17.45
N LYS A 220 15.79 -38.00 18.03
CA LYS A 220 14.93 -39.01 17.42
C LYS A 220 14.37 -38.55 16.08
N ARG A 221 14.26 -37.24 15.91
CA ARG A 221 13.73 -36.71 14.67
C ARG A 221 14.78 -36.92 13.59
N THR A 222 16.04 -36.72 13.97
CA THR A 222 17.15 -36.92 13.05
C THR A 222 17.15 -38.35 12.53
N THR A 223 16.81 -39.29 13.40
CA THR A 223 16.76 -40.69 13.02
C THR A 223 15.58 -40.92 12.08
N ALA A 224 14.43 -40.32 12.40
CA ALA A 224 13.24 -40.47 11.57
C ALA A 224 13.52 -40.01 10.14
N ALA A 225 14.29 -38.94 10.00
CA ALA A 225 14.63 -38.39 8.69
C ALA A 225 15.39 -39.38 7.80
N THR A 226 16.27 -40.18 8.39
CA THR A 226 17.05 -41.15 7.62
C THR A 226 16.15 -42.29 7.15
N LEU A 227 15.07 -42.51 7.89
CA LEU A 227 14.11 -43.57 7.63
C LEU A 227 12.98 -43.19 6.68
N MET A 228 12.56 -41.94 6.74
CA MET A 228 11.47 -41.49 5.92
C MET A 228 11.84 -40.34 4.99
N ASN A 229 11.35 -40.42 3.76
CA ASN A 229 11.61 -39.43 2.71
C ASN A 229 11.02 -38.06 3.05
N ALA A 230 11.80 -37.00 2.84
CA ALA A 230 11.33 -35.64 3.09
C ALA A 230 10.53 -35.57 4.39
N TYR A 231 11.00 -36.29 5.41
CA TYR A 231 10.30 -36.36 6.67
C TYR A 231 9.90 -35.04 7.34
N SER A 232 10.89 -34.20 7.60
CA SER A 232 10.62 -32.94 8.28
C SER A 232 9.67 -32.03 7.53
N SER A 233 9.58 -32.17 6.21
CA SER A 233 8.70 -31.29 5.48
C SER A 233 7.27 -31.85 5.36
N ARG A 234 7.15 -33.18 5.28
CA ARG A 234 5.84 -33.82 5.15
C ARG A 234 5.19 -34.17 6.50
N SER A 235 5.97 -34.16 7.57
CA SER A 235 5.45 -34.51 8.89
C SER A 235 4.61 -33.42 9.55
N HIS A 236 3.74 -33.84 10.46
CA HIS A 236 2.93 -32.91 11.24
C HIS A 236 3.45 -33.15 12.66
N SER A 237 3.96 -32.10 13.29
CA SER A 237 4.50 -32.23 14.64
C SER A 237 3.55 -31.66 15.69
N VAL A 238 3.15 -32.48 16.65
CA VAL A 238 2.25 -32.04 17.70
C VAL A 238 2.92 -32.09 19.05
N PHE A 239 3.36 -30.93 19.54
CA PHE A 239 3.99 -30.87 20.85
C PHE A 239 2.92 -30.42 21.82
N SER A 240 2.60 -31.26 22.79
CA SER A 240 1.57 -30.92 23.75
C SER A 240 2.11 -30.75 25.15
N VAL A 241 1.54 -29.80 25.89
CA VAL A 241 1.93 -29.57 27.27
C VAL A 241 0.67 -29.50 28.11
N THR A 242 0.58 -30.39 29.08
CA THR A 242 -0.58 -30.43 29.96
C THR A 242 -0.16 -29.96 31.35
N ILE A 243 -0.92 -29.03 31.91
CA ILE A 243 -0.58 -28.51 33.22
C ILE A 243 -1.66 -28.85 34.25
N HIS A 244 -1.29 -29.64 35.24
CA HIS A 244 -2.22 -30.01 36.30
C HIS A 244 -1.96 -29.04 37.45
N MET A 245 -2.98 -28.24 37.78
CA MET A 245 -2.84 -27.25 38.83
C MET A 245 -3.67 -27.58 40.06
N LYS A 246 -3.03 -27.39 41.21
CA LYS A 246 -3.64 -27.65 42.52
C LYS A 246 -3.59 -26.39 43.37
N VAL A 256 -7.76 -26.63 41.74
CA VAL A 256 -7.43 -27.70 40.79
C VAL A 256 -7.06 -27.08 39.43
N LYS A 257 -7.87 -27.35 38.43
CA LYS A 257 -7.69 -26.84 37.07
C LYS A 257 -6.73 -27.71 36.29
N ILE A 258 -7.01 -27.84 34.99
CA ILE A 258 -6.19 -28.63 34.09
C ILE A 258 -6.18 -27.90 32.78
N GLY A 259 -4.99 -27.52 32.32
CA GLY A 259 -4.89 -26.81 31.06
C GLY A 259 -3.96 -27.53 30.11
N LYS A 260 -4.35 -27.58 28.84
CA LYS A 260 -3.54 -28.24 27.83
C LYS A 260 -3.29 -27.30 26.65
N LEU A 261 -2.05 -27.23 26.22
CA LEU A 261 -1.68 -26.40 25.09
C LEU A 261 -1.06 -27.28 24.03
N ASN A 262 -1.62 -27.25 22.83
CA ASN A 262 -1.08 -28.04 21.73
C ASN A 262 -0.39 -27.10 20.77
N LEU A 263 0.87 -27.38 20.46
CA LEU A 263 1.64 -26.57 19.54
C LEU A 263 1.87 -27.45 18.30
N VAL A 264 1.23 -27.07 17.21
CA VAL A 264 1.29 -27.85 15.99
C VAL A 264 2.00 -27.19 14.83
N ASP A 265 3.06 -27.85 14.37
CA ASP A 265 3.90 -27.42 13.25
C ASP A 265 3.46 -28.33 12.07
N LEU A 266 2.52 -27.84 11.28
CA LEU A 266 1.97 -28.60 10.16
C LEU A 266 2.94 -28.92 9.01
N ALA A 267 2.57 -29.93 8.23
CA ALA A 267 3.35 -30.33 7.06
C ALA A 267 3.32 -29.13 6.11
N GLY A 268 4.36 -28.99 5.28
CA GLY A 268 4.40 -27.89 4.33
C GLY A 268 3.17 -27.85 3.45
N SER A 269 2.56 -26.67 3.35
CA SER A 269 1.34 -26.49 2.57
C SER A 269 1.51 -26.69 1.06
N GLU A 270 2.75 -26.78 0.60
CA GLU A 270 2.91 -27.02 -0.82
C GLU A 270 2.59 -28.52 -0.96
N ASN A 271 2.15 -29.12 0.15
CA ASN A 271 1.79 -30.54 0.16
C ASN A 271 0.31 -30.73 -0.19
N ILE A 272 -0.38 -29.61 -0.43
CA ILE A 272 -1.78 -29.58 -0.85
C ILE A 272 -1.86 -28.67 -2.08
N GLY A 273 -2.88 -27.82 -2.18
CA GLY A 273 -2.94 -26.93 -3.34
C GLY A 273 -4.31 -26.52 -3.85
N ARG A 274 -4.69 -25.28 -3.57
CA ARG A 274 -5.97 -24.73 -3.98
C ARG A 274 -7.10 -25.36 -3.17
N ILE A 288 -1.67 -37.97 -1.32
CA ILE A 288 -0.37 -37.66 -0.74
C ILE A 288 -0.42 -37.43 0.78
N ASN A 289 -0.76 -36.23 1.23
CA ASN A 289 -0.81 -35.98 2.67
C ASN A 289 -2.26 -35.93 3.15
N GLN A 290 -2.76 -37.09 3.55
CA GLN A 290 -4.14 -37.22 4.02
C GLN A 290 -4.51 -36.26 5.14
N SER A 291 -3.62 -36.09 6.12
CA SER A 291 -3.93 -35.20 7.22
C SER A 291 -4.04 -33.75 6.78
N LEU A 292 -3.14 -33.32 5.89
CA LEU A 292 -3.18 -31.95 5.40
C LEU A 292 -4.46 -31.74 4.59
N LEU A 293 -4.71 -32.65 3.66
CA LEU A 293 -5.91 -32.59 2.83
C LEU A 293 -7.17 -32.52 3.68
N THR A 294 -7.22 -33.33 4.73
CA THR A 294 -8.39 -33.36 5.60
C THR A 294 -8.53 -32.06 6.40
N LEU A 295 -7.43 -31.54 6.93
CA LEU A 295 -7.48 -30.30 7.69
C LEU A 295 -8.19 -29.24 6.85
N GLY A 296 -7.76 -29.13 5.60
CA GLY A 296 -8.34 -28.16 4.69
C GLY A 296 -9.82 -28.40 4.42
N ARG A 297 -10.21 -29.68 4.34
CA ARG A 297 -11.60 -30.01 4.10
C ARG A 297 -12.41 -29.75 5.36
N VAL A 298 -11.79 -30.00 6.52
CA VAL A 298 -12.48 -29.74 7.79
C VAL A 298 -12.75 -28.25 7.89
N ILE A 299 -11.73 -27.44 7.60
CA ILE A 299 -11.91 -25.99 7.67
C ILE A 299 -12.97 -25.53 6.71
N THR A 300 -12.96 -26.07 5.50
CA THR A 300 -13.95 -25.69 4.50
C THR A 300 -15.37 -26.00 5.03
N ALA A 301 -15.57 -27.21 5.57
CA ALA A 301 -16.87 -27.58 6.11
C ALA A 301 -17.30 -26.65 7.25
N LEU A 302 -16.38 -26.36 8.17
CA LEU A 302 -16.69 -25.49 9.29
C LEU A 302 -17.08 -24.10 8.81
N VAL A 303 -16.32 -23.57 7.85
CA VAL A 303 -16.57 -22.23 7.30
C VAL A 303 -17.87 -22.09 6.49
N GLU A 304 -18.30 -23.18 5.86
CA GLU A 304 -19.53 -23.12 5.07
C GLU A 304 -20.74 -23.58 5.91
N ARG A 305 -20.48 -24.00 7.14
CA ARG A 305 -21.52 -24.45 8.07
C ARG A 305 -22.15 -25.78 7.69
N THR A 306 -21.39 -26.63 7.00
CA THR A 306 -21.91 -27.92 6.57
C THR A 306 -22.01 -28.87 7.75
N PRO A 307 -23.22 -29.41 8.02
CA PRO A 307 -23.44 -30.34 9.12
C PRO A 307 -22.39 -31.43 9.28
N HIS A 308 -21.89 -31.94 8.16
CA HIS A 308 -20.86 -32.98 8.23
C HIS A 308 -19.45 -32.40 8.10
N VAL A 309 -18.64 -32.56 9.14
CA VAL A 309 -17.25 -32.11 9.12
C VAL A 309 -16.45 -33.40 9.26
N PRO A 310 -15.66 -33.73 8.22
CA PRO A 310 -14.81 -34.92 8.09
C PRO A 310 -13.60 -35.13 9.02
N TYR A 311 -13.77 -34.87 10.31
CA TYR A 311 -12.69 -35.06 11.28
C TYR A 311 -12.07 -36.45 11.21
N ARG A 312 -12.93 -37.46 11.07
CA ARG A 312 -12.45 -38.83 11.05
C ARG A 312 -11.68 -39.28 9.80
N GLU A 313 -11.60 -38.44 8.78
CA GLU A 313 -10.86 -38.85 7.58
C GLU A 313 -9.33 -38.76 7.71
N SER A 314 -8.82 -38.38 8.89
CA SER A 314 -7.37 -38.32 9.08
C SER A 314 -6.97 -38.34 10.54
N LYS A 315 -5.75 -38.83 10.79
CA LYS A 315 -5.20 -38.90 12.14
C LYS A 315 -5.14 -37.51 12.76
N LEU A 316 -4.57 -36.56 12.01
CA LEU A 316 -4.44 -35.19 12.50
C LEU A 316 -5.73 -34.53 12.96
N THR A 317 -6.79 -34.66 12.16
CA THR A 317 -8.07 -34.06 12.50
C THR A 317 -8.84 -34.81 13.60
N ARG A 318 -8.54 -36.09 13.78
CA ARG A 318 -9.20 -36.86 14.85
C ARG A 318 -8.54 -36.43 16.16
N ILE A 319 -7.22 -36.37 16.15
CA ILE A 319 -6.48 -35.98 17.33
C ILE A 319 -6.79 -34.52 17.75
N LEU A 320 -6.84 -33.61 16.78
CA LEU A 320 -7.10 -32.20 17.07
C LEU A 320 -8.54 -31.74 16.83
N GLN A 321 -9.47 -32.68 16.83
CA GLN A 321 -10.88 -32.40 16.59
C GLN A 321 -11.44 -31.19 17.37
N ASP A 322 -11.15 -31.13 18.67
CA ASP A 322 -11.65 -30.05 19.53
C ASP A 322 -11.01 -28.68 19.27
N SER A 323 -9.98 -28.65 18.44
CA SER A 323 -9.30 -27.40 18.10
C SER A 323 -9.93 -26.77 16.87
N LEU A 324 -10.73 -27.56 16.16
CA LEU A 324 -11.35 -27.07 14.93
C LEU A 324 -12.87 -26.96 15.10
N GLY A 325 -13.32 -25.81 15.59
CA GLY A 325 -14.75 -25.60 15.79
C GLY A 325 -15.21 -26.28 17.05
N GLY A 326 -14.26 -26.57 17.94
CA GLY A 326 -14.59 -27.24 19.19
C GLY A 326 -14.60 -26.28 20.36
N ARG A 327 -14.19 -26.78 21.51
CA ARG A 327 -14.18 -25.98 22.73
C ARG A 327 -12.78 -25.47 23.10
N THR A 328 -11.81 -25.70 22.22
CA THR A 328 -10.45 -25.26 22.47
C THR A 328 -10.23 -23.88 21.83
N ARG A 329 -9.43 -23.02 22.46
CA ARG A 329 -9.16 -21.72 21.87
C ARG A 329 -8.07 -21.96 20.83
N THR A 330 -8.38 -21.64 19.58
CA THR A 330 -7.42 -21.87 18.52
C THR A 330 -6.90 -20.62 17.82
N SER A 331 -5.63 -20.67 17.48
CA SER A 331 -4.95 -19.61 16.77
C SER A 331 -4.12 -20.26 15.67
N ILE A 332 -4.04 -19.59 14.52
CA ILE A 332 -3.26 -20.10 13.41
C ILE A 332 -2.24 -19.05 13.00
N ILE A 333 -1.00 -19.46 12.86
CA ILE A 333 0.06 -18.57 12.45
C ILE A 333 0.47 -18.98 11.03
N ALA A 334 0.08 -18.18 10.06
CA ALA A 334 0.41 -18.45 8.67
C ALA A 334 1.72 -17.77 8.32
N THR A 335 2.74 -18.57 8.05
CA THR A 335 4.06 -18.07 7.71
C THR A 335 4.16 -17.93 6.19
N ILE A 336 4.76 -16.85 5.73
CA ILE A 336 4.89 -16.63 4.30
C ILE A 336 6.28 -16.13 3.94
N SER A 337 6.57 -16.14 2.65
CA SER A 337 7.84 -15.71 2.12
C SER A 337 7.70 -14.35 1.42
N PRO A 338 8.77 -13.54 1.46
CA PRO A 338 8.75 -12.22 0.81
C PRO A 338 9.20 -12.31 -0.66
N ALA A 339 9.84 -13.43 -1.02
CA ALA A 339 10.36 -13.63 -2.37
C ALA A 339 9.31 -13.75 -3.47
N SER A 340 9.51 -13.00 -4.55
CA SER A 340 8.60 -13.01 -5.70
C SER A 340 8.44 -14.40 -6.28
N LEU A 341 9.45 -15.26 -6.08
CA LEU A 341 9.42 -16.63 -6.59
C LEU A 341 8.39 -17.49 -5.86
N ASN A 342 7.99 -17.05 -4.67
CA ASN A 342 7.02 -17.80 -3.87
C ASN A 342 5.64 -17.16 -3.94
N LEU A 343 5.43 -16.34 -4.96
CA LEU A 343 4.18 -15.62 -5.13
C LEU A 343 2.95 -16.53 -4.98
N GLU A 344 2.86 -17.51 -5.87
CA GLU A 344 1.76 -18.47 -5.91
C GLU A 344 1.47 -19.12 -4.56
N GLU A 345 2.50 -19.65 -3.90
CA GLU A 345 2.29 -20.30 -2.61
C GLU A 345 1.89 -19.29 -1.54
N THR A 346 2.48 -18.10 -1.59
CA THR A 346 2.16 -17.07 -0.62
C THR A 346 0.69 -16.70 -0.70
N LEU A 347 0.18 -16.50 -1.92
CA LEU A 347 -1.21 -16.14 -2.08
C LEU A 347 -2.08 -17.29 -1.60
N SER A 348 -1.73 -18.51 -2.00
CA SER A 348 -2.48 -19.69 -1.59
C SER A 348 -2.57 -19.77 -0.07
N THR A 349 -1.44 -19.56 0.60
CA THR A 349 -1.40 -19.58 2.05
C THR A 349 -2.29 -18.48 2.65
N LEU A 350 -2.16 -17.25 2.14
CA LEU A 350 -2.95 -16.14 2.64
C LEU A 350 -4.46 -16.37 2.46
N GLU A 351 -4.86 -16.89 1.31
CA GLU A 351 -6.27 -17.18 1.07
C GLU A 351 -6.77 -18.28 2.02
N TYR A 352 -5.95 -19.29 2.24
CA TYR A 352 -6.29 -20.41 3.12
C TYR A 352 -6.50 -19.94 4.55
N ALA A 353 -5.53 -19.17 5.05
CA ALA A 353 -5.60 -18.67 6.40
C ALA A 353 -6.73 -17.66 6.58
N HIS A 354 -6.89 -16.78 5.60
CA HIS A 354 -7.92 -15.76 5.66
C HIS A 354 -9.31 -16.37 5.87
N ARG A 355 -9.65 -17.36 5.06
CA ARG A 355 -10.95 -17.99 5.21
C ARG A 355 -11.10 -18.67 6.57
N ALA A 356 -9.98 -19.07 7.17
CA ALA A 356 -10.03 -19.76 8.45
C ALA A 356 -10.49 -18.88 9.61
N LYS A 357 -10.45 -17.55 9.43
CA LYS A 357 -10.88 -16.65 10.48
C LYS A 357 -12.39 -16.75 10.74
N ASN A 358 -13.10 -17.41 9.84
CA ASN A 358 -14.56 -17.55 10.00
C ASN A 358 -14.97 -18.78 10.78
N ILE A 359 -14.02 -19.42 11.46
CA ILE A 359 -14.36 -20.60 12.24
C ILE A 359 -14.70 -20.19 13.66
N LEU A 360 -15.77 -20.76 14.21
CA LEU A 360 -16.15 -20.44 15.58
C LEU A 360 -15.94 -21.62 16.50
N ASN A 361 -15.13 -21.42 17.54
CA ASN A 361 -14.84 -22.43 18.54
C ASN A 361 -15.62 -21.99 19.78
N LYS A 362 -15.59 -22.76 20.84
CA LYS A 362 -16.35 -22.35 22.02
C LYS A 362 -15.77 -22.86 23.34
N PRO A 363 -16.34 -23.84 23.88
N LYS B 17 14.80 17.36 -17.10
CA LYS B 17 14.55 16.36 -18.18
C LYS B 17 13.14 15.80 -18.06
N ASN B 18 13.02 14.57 -17.59
CA ASN B 18 11.71 13.95 -17.44
C ASN B 18 10.70 14.93 -16.88
N ILE B 19 9.49 14.91 -17.43
CA ILE B 19 8.44 15.78 -16.93
C ILE B 19 8.07 15.23 -15.56
N GLN B 20 7.82 16.13 -14.61
CA GLN B 20 7.45 15.67 -13.28
C GLN B 20 5.94 15.56 -13.12
N VAL B 21 5.51 14.47 -12.50
CA VAL B 21 4.08 14.25 -12.32
C VAL B 21 3.79 14.02 -10.85
N VAL B 22 2.74 14.68 -10.37
CA VAL B 22 2.35 14.56 -8.98
C VAL B 22 0.85 14.33 -8.95
N VAL B 23 0.36 13.68 -7.90
CA VAL B 23 -1.06 13.42 -7.77
C VAL B 23 -1.64 14.15 -6.57
N ARG B 24 -2.85 14.67 -6.71
CA ARG B 24 -3.49 15.35 -5.60
C ARG B 24 -4.93 14.88 -5.47
N CYS B 25 -5.24 14.28 -4.33
CA CYS B 25 -6.59 13.79 -4.07
C CYS B 25 -7.37 14.84 -3.29
N ARG B 26 -8.59 15.10 -3.71
CA ARG B 26 -9.42 16.08 -3.00
C ARG B 26 -10.07 15.36 -1.83
N PRO B 27 -10.46 16.12 -0.79
CA PRO B 27 -11.11 15.46 0.34
C PRO B 27 -12.59 15.33 0.01
N PHE B 28 -13.31 14.57 0.84
CA PHE B 28 -14.74 14.37 0.63
C PHE B 28 -15.54 15.65 0.86
N ASN B 29 -16.68 15.77 0.18
CA ASN B 29 -17.54 16.95 0.33
C ASN B 29 -18.93 16.56 0.83
N LEU B 30 -19.28 17.00 2.04
CA LEU B 30 -20.59 16.73 2.67
C LEU B 30 -21.47 15.71 1.96
N ALA B 31 -22.04 16.12 0.84
CA ALA B 31 -22.89 15.21 0.09
C ALA B 31 -22.06 14.02 -0.41
N GLU B 32 -20.90 13.80 0.20
CA GLU B 32 -20.07 12.69 -0.23
C GLU B 32 -20.04 11.55 0.75
N ARG B 33 -21.02 11.59 1.64
CA ARG B 33 -21.20 10.57 2.66
C ARG B 33 -22.70 10.28 2.64
N LYS B 34 -23.30 10.59 1.49
CA LYS B 34 -24.72 10.42 1.22
C LYS B 34 -25.00 9.25 0.29
N ALA B 35 -24.66 9.44 -0.99
CA ALA B 35 -24.86 8.43 -2.04
C ALA B 35 -24.06 7.14 -1.87
N SER B 36 -23.75 6.76 -0.64
CA SER B 36 -22.98 5.54 -0.43
C SER B 36 -21.68 5.56 -1.20
N ALA B 37 -20.56 5.67 -0.48
CA ALA B 37 -19.23 5.69 -1.06
C ALA B 37 -18.19 5.79 0.04
N HIS B 38 -17.13 4.99 -0.07
CA HIS B 38 -16.05 4.99 0.91
C HIS B 38 -14.75 5.40 0.23
N SER B 39 -13.78 5.90 1.00
CA SER B 39 -12.53 6.31 0.38
C SER B 39 -11.76 5.10 -0.11
N ILE B 40 -11.64 4.98 -1.44
CA ILE B 40 -10.93 3.87 -2.04
C ILE B 40 -9.51 4.27 -2.42
N VAL B 41 -9.10 5.46 -2.00
CA VAL B 41 -7.76 5.95 -2.32
C VAL B 41 -6.86 6.12 -1.10
N GLU B 42 -5.65 5.57 -1.17
CA GLU B 42 -4.69 5.71 -0.08
C GLU B 42 -3.44 6.35 -0.65
N CYS B 43 -3.08 7.52 -0.13
CA CYS B 43 -1.90 8.23 -0.59
C CYS B 43 -0.78 8.15 0.44
N ASP B 44 0.42 7.79 -0.01
CA ASP B 44 1.56 7.70 0.88
C ASP B 44 2.68 8.63 0.40
N PRO B 45 2.72 9.86 0.93
CA PRO B 45 3.67 10.94 0.64
C PRO B 45 5.14 10.57 0.70
N VAL B 46 5.52 9.81 1.73
CA VAL B 46 6.91 9.40 1.90
C VAL B 46 7.34 8.41 0.87
N ARG B 47 6.41 7.54 0.48
CA ARG B 47 6.68 6.52 -0.51
C ARG B 47 6.25 6.96 -1.89
N LYS B 48 5.63 8.15 -1.95
CA LYS B 48 5.19 8.71 -3.22
C LYS B 48 4.32 7.75 -4.00
N GLU B 49 3.45 7.05 -3.27
CA GLU B 49 2.56 6.09 -3.88
C GLU B 49 1.11 6.46 -3.67
N VAL B 50 0.26 6.03 -4.59
CA VAL B 50 -1.17 6.24 -4.46
C VAL B 50 -1.71 4.83 -4.66
N SER B 51 -2.55 4.38 -3.74
CA SER B 51 -3.11 3.04 -3.86
C SER B 51 -4.62 3.14 -3.99
N VAL B 52 -5.16 2.37 -4.93
CA VAL B 52 -6.60 2.42 -5.18
C VAL B 52 -7.29 1.08 -4.92
N ARG B 53 -8.38 1.12 -4.16
CA ARG B 53 -9.14 -0.10 -3.87
C ARG B 53 -10.00 -0.30 -5.11
N THR B 54 -9.62 -1.22 -5.98
CA THR B 54 -10.34 -1.48 -7.21
C THR B 54 -11.37 -2.59 -7.09
N GLY B 55 -11.55 -3.11 -5.89
CA GLY B 55 -12.52 -4.18 -5.69
C GLY B 55 -12.61 -4.52 -4.23
N GLY B 56 -13.66 -5.23 -3.86
CA GLY B 56 -13.86 -5.59 -2.46
C GLY B 56 -15.17 -5.03 -1.95
N SER B 61 -9.47 -7.54 -0.28
CA SER B 61 -9.71 -6.69 -1.45
C SER B 61 -8.52 -6.73 -2.40
N SER B 62 -8.66 -6.02 -3.52
CA SER B 62 -7.62 -5.94 -4.51
C SER B 62 -7.32 -4.45 -4.71
N ARG B 63 -6.18 -4.12 -5.30
CA ARG B 63 -5.87 -2.73 -5.52
C ARG B 63 -4.75 -2.52 -6.52
N LYS B 64 -4.65 -1.29 -7.00
CA LYS B 64 -3.62 -0.91 -7.94
C LYS B 64 -2.87 0.26 -7.33
N THR B 65 -1.55 0.20 -7.36
CA THR B 65 -0.73 1.25 -6.79
C THR B 65 0.15 1.86 -7.87
N TYR B 66 0.46 3.15 -7.71
CA TYR B 66 1.31 3.84 -8.67
C TYR B 66 2.25 4.75 -7.92
N THR B 67 3.47 4.90 -8.42
CA THR B 67 4.44 5.78 -7.78
C THR B 67 4.57 7.00 -8.66
N PHE B 68 4.61 8.17 -8.04
CA PHE B 68 4.75 9.42 -8.78
C PHE B 68 5.90 10.23 -8.19
N ASP B 69 6.26 11.32 -8.85
CA ASP B 69 7.33 12.16 -8.37
C ASP B 69 6.93 12.74 -7.03
N MET B 70 5.63 12.88 -6.83
CA MET B 70 5.07 13.40 -5.58
C MET B 70 3.61 13.00 -5.48
N VAL B 71 3.13 12.81 -4.25
CA VAL B 71 1.74 12.47 -4.02
C VAL B 71 1.27 13.31 -2.84
N PHE B 72 0.14 13.98 -3.04
CA PHE B 72 -0.46 14.84 -2.01
C PHE B 72 -1.83 14.28 -1.67
N GLY B 73 -2.03 13.98 -0.39
CA GLY B 73 -3.29 13.42 0.04
C GLY B 73 -4.38 14.46 0.25
N ALA B 74 -5.58 13.95 0.54
CA ALA B 74 -6.74 14.79 0.75
C ALA B 74 -6.54 15.92 1.74
N SER B 75 -5.64 15.73 2.72
CA SER B 75 -5.39 16.76 3.73
C SER B 75 -4.45 17.85 3.23
N THR B 76 -3.82 17.63 2.09
CA THR B 76 -2.89 18.62 1.54
C THR B 76 -3.56 19.98 1.39
N LYS B 77 -2.93 21.04 1.90
CA LYS B 77 -3.45 22.38 1.80
C LYS B 77 -2.73 23.15 0.68
N GLN B 78 -3.36 24.22 0.21
CA GLN B 78 -2.80 25.04 -0.87
C GLN B 78 -1.33 25.45 -0.64
N ILE B 79 -1.03 25.94 0.55
CA ILE B 79 0.32 26.37 0.88
C ILE B 79 1.31 25.21 0.71
N ASP B 80 0.86 24.00 1.04
CA ASP B 80 1.72 22.82 0.91
C ASP B 80 2.06 22.59 -0.58
N VAL B 81 1.06 22.76 -1.44
CA VAL B 81 1.28 22.56 -2.87
C VAL B 81 2.24 23.60 -3.43
N TYR B 82 2.06 24.86 -3.03
CA TYR B 82 2.92 25.92 -3.52
C TYR B 82 4.35 25.69 -3.07
N ARG B 83 4.55 25.56 -1.76
CA ARG B 83 5.88 25.35 -1.20
C ARG B 83 6.61 24.19 -1.86
N SER B 84 5.94 23.05 -1.96
CA SER B 84 6.56 21.85 -2.52
C SER B 84 6.72 21.79 -4.02
N VAL B 85 5.74 22.29 -4.75
CA VAL B 85 5.78 22.23 -6.19
C VAL B 85 6.13 23.54 -6.87
N VAL B 86 5.36 24.57 -6.57
CA VAL B 86 5.53 25.87 -7.20
C VAL B 86 6.80 26.67 -6.93
N CYS B 87 7.13 26.89 -5.66
CA CYS B 87 8.32 27.66 -5.30
C CYS B 87 9.52 27.26 -6.15
N PRO B 88 9.84 25.95 -6.17
CA PRO B 88 10.97 25.44 -6.95
C PRO B 88 10.89 25.87 -8.41
N ILE B 89 9.71 25.70 -8.99
CA ILE B 89 9.49 26.06 -10.39
C ILE B 89 9.60 27.57 -10.64
N LEU B 90 9.08 28.37 -9.72
CA LEU B 90 9.16 29.81 -9.87
C LEU B 90 10.63 30.26 -9.86
N ASP B 91 11.43 29.65 -9.00
CA ASP B 91 12.86 30.01 -8.96
C ASP B 91 13.42 29.79 -10.37
N GLU B 92 13.05 28.68 -11.00
CA GLU B 92 13.50 28.34 -12.34
C GLU B 92 13.10 29.43 -13.34
N VAL B 93 11.84 29.86 -13.24
CA VAL B 93 11.35 30.89 -14.15
C VAL B 93 12.20 32.16 -13.99
N ILE B 94 12.43 32.55 -12.74
CA ILE B 94 13.21 33.75 -12.47
C ILE B 94 14.63 33.64 -13.02
N MET B 95 15.10 32.42 -13.23
CA MET B 95 16.45 32.20 -13.76
C MET B 95 16.47 32.36 -15.27
N GLY B 96 15.28 32.45 -15.86
CA GLY B 96 15.21 32.63 -17.29
C GLY B 96 14.76 31.41 -18.06
N TYR B 97 14.21 30.42 -17.36
CA TYR B 97 13.71 29.19 -18.01
C TYR B 97 12.22 29.34 -18.28
N ASN B 98 11.70 28.56 -19.21
CA ASN B 98 10.27 28.58 -19.49
C ASN B 98 9.74 27.40 -18.69
N CYS B 99 8.61 27.57 -18.03
CA CYS B 99 8.04 26.48 -17.24
C CYS B 99 6.54 26.41 -17.42
N THR B 100 6.02 25.20 -17.32
CA THR B 100 4.60 24.98 -17.48
C THR B 100 4.09 23.99 -16.45
N ILE B 101 2.90 24.25 -15.93
CA ILE B 101 2.28 23.35 -14.98
C ILE B 101 0.85 23.03 -15.45
N PHE B 102 0.57 21.75 -15.64
CA PHE B 102 -0.75 21.28 -16.07
C PHE B 102 -1.55 20.70 -14.91
N ALA B 103 -2.87 20.84 -14.98
CA ALA B 103 -3.75 20.27 -13.98
C ALA B 103 -4.63 19.37 -14.84
N TYR B 104 -4.58 18.06 -14.60
CA TYR B 104 -5.34 17.08 -15.35
C TYR B 104 -6.17 16.17 -14.45
N GLY B 105 -7.43 15.98 -14.82
CA GLY B 105 -8.30 15.12 -14.03
C GLY B 105 -9.76 15.34 -14.38
N GLN B 106 -10.65 14.50 -13.87
CA GLN B 106 -12.06 14.67 -14.20
C GLN B 106 -12.65 15.89 -13.52
N THR B 107 -13.73 16.39 -14.09
CA THR B 107 -14.43 17.54 -13.54
C THR B 107 -14.83 17.18 -12.12
N GLY B 108 -14.60 18.11 -11.19
CA GLY B 108 -14.98 17.85 -9.80
C GLY B 108 -13.88 17.32 -8.91
N THR B 109 -12.65 17.19 -9.41
CA THR B 109 -11.58 16.68 -8.57
C THR B 109 -10.62 17.75 -8.04
N GLY B 110 -10.81 18.99 -8.48
CA GLY B 110 -9.97 20.07 -8.01
C GLY B 110 -8.91 20.67 -8.92
N LYS B 111 -9.11 20.62 -10.24
CA LYS B 111 -8.14 21.19 -11.17
C LYS B 111 -8.10 22.70 -10.99
N THR B 112 -9.26 23.35 -11.03
CA THR B 112 -9.31 24.80 -10.85
C THR B 112 -8.96 25.18 -9.41
N PHE B 113 -9.40 24.37 -8.45
CA PHE B 113 -9.10 24.66 -7.06
C PHE B 113 -7.60 24.74 -6.86
N THR B 114 -6.87 23.84 -7.49
CA THR B 114 -5.42 23.82 -7.36
C THR B 114 -4.73 24.95 -8.13
N MET B 115 -5.09 25.13 -9.39
CA MET B 115 -4.46 26.16 -10.22
C MET B 115 -4.85 27.59 -9.87
N GLU B 116 -6.13 27.82 -9.52
CA GLU B 116 -6.61 29.15 -9.21
C GLU B 116 -6.96 29.35 -7.73
N GLY B 117 -7.73 28.41 -7.20
CA GLY B 117 -8.13 28.49 -5.80
C GLY B 117 -9.47 29.18 -5.66
N GLU B 118 -9.86 29.43 -4.41
CA GLU B 118 -11.12 30.07 -4.11
C GLU B 118 -10.94 31.07 -2.98
N ARG B 119 -11.98 31.87 -2.71
CA ARG B 119 -11.94 32.84 -1.64
C ARG B 119 -12.59 32.24 -0.40
N SER B 120 -11.97 32.45 0.76
CA SER B 120 -12.53 31.93 2.00
C SER B 120 -13.79 32.75 2.20
N PRO B 121 -14.83 32.16 2.79
CA PRO B 121 -16.14 32.74 3.09
C PRO B 121 -16.11 33.93 4.05
N ASN B 122 -17.23 34.64 4.09
CA ASN B 122 -17.43 35.78 4.97
C ASN B 122 -16.32 36.83 4.97
N GLU B 123 -15.64 36.98 3.83
CA GLU B 123 -14.58 37.98 3.72
C GLU B 123 -13.58 37.90 4.87
N GLU B 124 -13.22 36.70 5.30
CA GLU B 124 -12.29 36.59 6.40
C GLU B 124 -10.87 37.07 6.06
N TYR B 125 -10.42 36.83 4.84
CA TYR B 125 -9.08 37.26 4.44
C TYR B 125 -9.03 38.08 3.16
N THR B 126 -7.92 38.79 2.99
CA THR B 126 -7.69 39.55 1.77
C THR B 126 -7.10 38.49 0.85
N TRP B 127 -7.10 38.72 -0.45
CA TRP B 127 -6.62 37.71 -1.39
C TRP B 127 -5.20 37.18 -1.16
N GLU B 128 -4.28 38.07 -0.85
CA GLU B 128 -2.88 37.69 -0.63
C GLU B 128 -2.66 36.72 0.53
N GLU B 129 -3.59 36.69 1.49
CA GLU B 129 -3.45 35.79 2.64
C GLU B 129 -4.53 34.73 2.71
N ASP B 130 -5.35 34.62 1.67
CA ASP B 130 -6.39 33.62 1.71
C ASP B 130 -5.78 32.24 1.59
N PRO B 131 -5.97 31.39 2.61
CA PRO B 131 -5.41 30.04 2.59
C PRO B 131 -5.97 29.20 1.43
N LEU B 132 -7.08 29.63 0.85
CA LEU B 132 -7.67 28.90 -0.26
C LEU B 132 -7.18 29.37 -1.61
N ALA B 133 -6.32 30.38 -1.61
CA ALA B 133 -5.77 30.89 -2.85
C ALA B 133 -4.98 29.75 -3.47
N GLY B 134 -5.06 29.64 -4.80
CA GLY B 134 -4.36 28.58 -5.52
C GLY B 134 -3.00 29.03 -6.04
N ILE B 135 -2.46 28.26 -6.99
CA ILE B 135 -1.15 28.53 -7.57
C ILE B 135 -0.93 29.88 -8.26
N ILE B 136 -1.86 30.26 -9.14
CA ILE B 136 -1.75 31.52 -9.87
C ILE B 136 -1.60 32.75 -8.98
N PRO B 137 -2.56 32.98 -8.07
CA PRO B 137 -2.46 34.15 -7.19
C PRO B 137 -1.20 34.17 -6.32
N ARG B 138 -0.85 33.02 -5.77
CA ARG B 138 0.33 32.93 -4.92
C ARG B 138 1.59 33.22 -5.73
N THR B 139 1.63 32.71 -6.95
CA THR B 139 2.79 32.91 -7.82
C THR B 139 3.00 34.39 -8.08
N LEU B 140 1.94 35.05 -8.54
CA LEU B 140 2.00 36.48 -8.84
C LEU B 140 2.49 37.28 -7.65
N HIS B 141 1.90 37.03 -6.49
CA HIS B 141 2.30 37.75 -5.30
C HIS B 141 3.77 37.49 -4.94
N GLN B 142 4.22 36.25 -5.06
CA GLN B 142 5.59 35.92 -4.72
C GLN B 142 6.65 36.47 -5.65
N ILE B 143 6.30 36.71 -6.91
CA ILE B 143 7.26 37.25 -7.85
C ILE B 143 7.75 38.61 -7.35
N PHE B 144 6.81 39.43 -6.91
CA PHE B 144 7.13 40.77 -6.41
C PHE B 144 7.95 40.75 -5.14
N GLU B 145 7.73 39.74 -4.30
CA GLU B 145 8.46 39.62 -3.05
C GLU B 145 9.90 39.18 -3.31
N LYS B 146 10.05 38.18 -4.16
CA LYS B 146 11.37 37.66 -4.48
C LYS B 146 12.24 38.61 -5.28
N LEU B 147 11.63 39.48 -6.09
CA LEU B 147 12.40 40.43 -6.88
C LEU B 147 12.26 41.84 -6.33
N THR B 148 12.23 41.99 -5.02
CA THR B 148 12.07 43.33 -4.49
C THR B 148 13.31 44.08 -4.03
N ASP B 149 14.26 43.39 -3.39
CA ASP B 149 15.50 44.04 -2.90
C ASP B 149 16.78 43.53 -3.58
N ASN B 150 16.73 42.32 -4.12
CA ASN B 150 17.88 41.66 -4.76
C ASN B 150 18.55 42.53 -5.81
N GLY B 151 18.78 41.97 -6.98
CA GLY B 151 19.34 42.76 -8.05
C GLY B 151 18.26 43.80 -8.21
N THR B 152 17.40 43.65 -9.23
CA THR B 152 16.28 44.58 -9.46
C THR B 152 15.97 44.76 -10.96
N GLU B 153 14.95 45.57 -11.26
CA GLU B 153 14.56 45.81 -12.64
C GLU B 153 13.91 44.59 -13.26
N PHE B 154 12.58 44.63 -13.36
CA PHE B 154 11.83 43.55 -13.96
C PHE B 154 10.42 44.03 -14.25
N SER B 155 9.73 43.33 -15.14
CA SER B 155 8.36 43.67 -15.47
C SER B 155 7.57 42.37 -15.62
N VAL B 156 6.33 42.40 -15.19
CA VAL B 156 5.47 41.21 -15.26
C VAL B 156 4.23 41.48 -16.11
N LYS B 157 3.95 40.56 -17.03
CA LYS B 157 2.78 40.71 -17.88
C LYS B 157 2.04 39.38 -17.89
N VAL B 158 0.72 39.44 -17.76
CA VAL B 158 -0.08 38.23 -17.74
C VAL B 158 -1.12 38.23 -18.85
N SER B 159 -1.54 37.03 -19.23
CA SER B 159 -2.57 36.86 -20.23
C SER B 159 -3.35 35.61 -19.85
N LEU B 160 -4.65 35.63 -20.13
CA LEU B 160 -5.48 34.49 -19.80
C LEU B 160 -6.33 34.15 -21.00
N LEU B 161 -5.93 33.12 -21.73
CA LEU B 161 -6.69 32.71 -22.89
C LEU B 161 -7.30 31.37 -22.62
N GLU B 162 -8.53 31.19 -23.06
CA GLU B 162 -9.20 29.93 -22.85
C GLU B 162 -9.62 29.37 -24.20
N ILE B 163 -9.53 28.05 -24.31
CA ILE B 163 -9.87 27.36 -25.53
C ILE B 163 -11.14 26.56 -25.29
N TYR B 164 -12.11 26.75 -26.18
CA TYR B 164 -13.39 26.05 -26.08
C TYR B 164 -13.85 25.70 -27.48
N ASN B 165 -14.08 24.43 -27.75
CA ASN B 165 -14.54 24.01 -29.07
C ASN B 165 -13.54 24.49 -30.14
N GLU B 166 -12.25 24.43 -29.81
CA GLU B 166 -11.16 24.86 -30.68
C GLU B 166 -11.15 26.33 -31.07
N GLU B 167 -11.80 27.15 -30.27
CA GLU B 167 -11.83 28.59 -30.47
C GLU B 167 -11.14 29.24 -29.27
N LEU B 168 -10.48 30.36 -29.51
CA LEU B 168 -9.74 31.07 -28.47
C LEU B 168 -10.42 32.32 -27.93
N PHE B 169 -10.54 32.38 -26.61
CA PHE B 169 -11.15 33.52 -25.97
C PHE B 169 -10.18 34.23 -25.02
N ASP B 170 -10.17 35.55 -25.10
CA ASP B 170 -9.33 36.39 -24.26
C ASP B 170 -10.17 36.83 -23.07
N LEU B 171 -9.81 36.35 -21.88
CA LEU B 171 -10.56 36.72 -20.68
C LEU B 171 -10.04 37.99 -20.01
N LEU B 172 -9.01 38.59 -20.58
CA LEU B 172 -8.42 39.79 -19.98
C LEU B 172 -8.56 41.07 -20.79
N ASN B 173 -9.22 41.01 -21.94
CA ASN B 173 -9.36 42.22 -22.72
C ASN B 173 -10.52 43.02 -22.16
N PRO B 174 -10.28 44.30 -21.84
CA PRO B 174 -11.35 45.14 -21.29
C PRO B 174 -12.09 45.83 -22.41
N SER B 175 -11.38 46.05 -23.51
CA SER B 175 -11.96 46.73 -24.65
C SER B 175 -12.57 45.76 -25.65
N SER B 176 -12.93 44.57 -25.17
CA SER B 176 -13.52 43.58 -26.06
C SER B 176 -14.46 42.61 -25.37
N ASP B 177 -15.49 42.19 -26.09
CA ASP B 177 -16.48 41.23 -25.59
C ASP B 177 -15.84 39.85 -25.54
N VAL B 178 -15.99 39.14 -24.41
CA VAL B 178 -15.38 37.83 -24.27
C VAL B 178 -15.67 36.92 -25.47
N SER B 179 -16.81 37.13 -26.11
CA SER B 179 -17.22 36.33 -27.25
C SER B 179 -16.49 36.60 -28.57
N GLU B 180 -15.53 37.51 -28.58
CA GLU B 180 -14.78 37.79 -29.81
C GLU B 180 -13.68 36.74 -29.88
N ARG B 181 -13.75 35.79 -30.80
CA ARG B 181 -12.67 34.81 -30.84
C ARG B 181 -11.39 35.33 -31.46
N LEU B 182 -10.26 34.80 -30.98
CA LEU B 182 -8.94 35.19 -31.46
C LEU B 182 -8.44 34.20 -32.50
N GLN B 183 -7.59 34.68 -33.40
CA GLN B 183 -7.02 33.85 -34.46
C GLN B 183 -5.54 33.66 -34.18
N MET B 184 -5.03 32.46 -34.44
CA MET B 184 -3.61 32.19 -34.20
C MET B 184 -2.86 31.92 -35.50
N PHE B 185 -1.59 32.28 -35.52
CA PHE B 185 -0.78 32.06 -36.72
C PHE B 185 0.55 31.48 -36.31
N ASP B 186 1.26 30.89 -37.26
CA ASP B 186 2.57 30.35 -36.95
C ASP B 186 3.46 31.57 -36.81
N ASP B 187 4.40 31.53 -35.89
CA ASP B 187 5.28 32.67 -35.71
C ASP B 187 6.43 32.62 -36.72
N PRO B 188 6.40 33.49 -37.73
CA PRO B 188 7.49 33.47 -38.72
C PRO B 188 8.87 33.56 -38.06
N ARG B 189 8.91 34.14 -36.86
CA ARG B 189 10.18 34.25 -36.14
C ARG B 189 10.41 33.00 -35.30
N ASN B 190 9.55 31.99 -35.46
CA ASN B 190 9.68 30.75 -34.68
C ASN B 190 9.85 29.50 -35.55
N LYS B 191 9.00 28.52 -35.31
CA LYS B 191 9.02 27.25 -36.03
C LYS B 191 8.11 26.35 -35.22
N ARG B 192 8.19 26.51 -33.91
CA ARG B 192 7.37 25.74 -32.98
C ARG B 192 6.49 26.72 -32.21
N GLY B 193 6.56 27.99 -32.59
CA GLY B 193 5.77 29.01 -31.91
C GLY B 193 4.64 29.51 -32.77
N VAL B 194 3.64 30.11 -32.13
CA VAL B 194 2.49 30.64 -32.82
C VAL B 194 2.21 32.04 -32.28
N ILE B 195 1.43 32.82 -33.02
CA ILE B 195 1.10 34.17 -32.59
C ILE B 195 -0.41 34.27 -32.42
N ILE B 196 -0.84 34.70 -31.24
CA ILE B 196 -2.26 34.83 -31.00
C ILE B 196 -2.64 36.28 -31.22
N LYS B 197 -3.06 36.59 -32.44
CA LYS B 197 -3.45 37.95 -32.79
C LYS B 197 -4.53 38.53 -31.90
N GLY B 198 -4.21 39.64 -31.26
CA GLY B 198 -5.18 40.32 -30.40
C GLY B 198 -5.17 39.94 -28.93
N LEU B 199 -4.30 39.03 -28.53
CA LEU B 199 -4.26 38.59 -27.14
C LEU B 199 -3.79 39.70 -26.21
N GLU B 200 -4.61 40.02 -25.22
CA GLU B 200 -4.23 41.07 -24.27
C GLU B 200 -3.18 40.62 -23.27
N GLU B 201 -2.07 41.35 -23.22
CA GLU B 201 -0.99 41.06 -22.28
C GLU B 201 -1.04 42.22 -21.29
N ILE B 202 -1.41 41.94 -20.05
CA ILE B 202 -1.50 43.00 -19.06
C ILE B 202 -0.26 43.15 -18.21
N THR B 203 0.22 44.39 -18.08
CA THR B 203 1.41 44.67 -17.27
C THR B 203 1.00 44.79 -15.82
N VAL B 204 1.59 43.96 -14.97
CA VAL B 204 1.28 44.00 -13.54
C VAL B 204 2.39 44.80 -12.85
N HIS B 205 2.15 46.09 -12.67
CA HIS B 205 3.13 47.00 -12.08
C HIS B 205 3.54 46.64 -10.65
N ASN B 206 2.58 46.22 -9.83
CA ASN B 206 2.87 45.86 -8.45
C ASN B 206 1.82 44.90 -7.93
N LYS B 207 2.13 44.25 -6.80
CA LYS B 207 1.22 43.29 -6.18
C LYS B 207 -0.18 43.84 -5.96
N ASP B 208 -0.29 45.16 -5.83
CA ASP B 208 -1.58 45.78 -5.58
C ASP B 208 -2.54 45.82 -6.77
N GLU B 209 -2.07 45.45 -7.96
CA GLU B 209 -3.00 45.45 -9.09
C GLU B 209 -3.29 44.05 -9.62
N VAL B 210 -2.77 43.05 -8.92
CA VAL B 210 -2.98 41.66 -9.31
C VAL B 210 -4.43 41.24 -9.18
N TYR B 211 -5.01 41.40 -7.99
CA TYR B 211 -6.37 40.96 -7.75
C TYR B 211 -7.45 41.45 -8.71
N GLN B 212 -7.47 42.74 -9.00
CA GLN B 212 -8.46 43.30 -9.91
C GLN B 212 -8.38 42.60 -11.27
N ILE B 213 -7.18 42.27 -11.72
CA ILE B 213 -7.01 41.60 -13.00
C ILE B 213 -7.68 40.24 -12.93
N LEU B 214 -7.56 39.58 -11.78
CA LEU B 214 -8.18 38.27 -11.61
C LEU B 214 -9.70 38.42 -11.59
N GLU B 215 -10.19 39.46 -10.91
CA GLU B 215 -11.64 39.69 -10.86
C GLU B 215 -12.18 39.91 -12.27
N LYS B 216 -11.43 40.64 -13.07
CA LYS B 216 -11.82 40.94 -14.45
C LYS B 216 -11.92 39.62 -15.21
N GLY B 217 -10.93 38.76 -15.01
CA GLY B 217 -10.93 37.47 -15.67
C GLY B 217 -12.13 36.66 -15.22
N ALA B 218 -12.39 36.68 -13.92
CA ALA B 218 -13.51 35.96 -13.33
C ALA B 218 -14.83 36.40 -13.94
N ALA B 219 -14.98 37.71 -14.11
CA ALA B 219 -16.21 38.27 -14.66
C ALA B 219 -16.46 37.81 -16.10
N LYS B 220 -15.44 37.93 -16.94
CA LYS B 220 -15.59 37.55 -18.32
C LYS B 220 -15.86 36.07 -18.49
N ARG B 221 -15.36 35.27 -17.56
CA ARG B 221 -15.59 33.83 -17.63
C ARG B 221 -17.07 33.57 -17.38
N THR B 222 -17.64 34.29 -16.41
CA THR B 222 -19.05 34.16 -16.07
C THR B 222 -19.91 34.43 -17.30
N THR B 223 -19.51 35.42 -18.09
CA THR B 223 -20.21 35.75 -19.31
C THR B 223 -20.07 34.62 -20.33
N ALA B 224 -18.86 34.08 -20.45
CA ALA B 224 -18.60 33.00 -21.38
C ALA B 224 -19.52 31.82 -21.09
N ALA B 225 -19.71 31.53 -19.80
CA ALA B 225 -20.55 30.42 -19.37
C ALA B 225 -22.00 30.52 -19.85
N THR B 226 -22.54 31.73 -19.90
CA THR B 226 -23.92 31.92 -20.34
C THR B 226 -24.03 31.71 -21.84
N LEU B 227 -22.92 31.91 -22.54
CA LEU B 227 -22.82 31.78 -23.98
C LEU B 227 -22.48 30.37 -24.47
N MET B 228 -21.67 29.66 -23.70
CA MET B 228 -21.25 28.34 -24.11
C MET B 228 -21.64 27.26 -23.11
N ASN B 229 -22.11 26.14 -23.66
CA ASN B 229 -22.56 24.99 -22.89
C ASN B 229 -21.42 24.34 -22.11
N ALA B 230 -21.67 24.02 -20.84
CA ALA B 230 -20.69 23.38 -19.98
C ALA B 230 -19.31 23.99 -20.20
N TYR B 231 -19.29 25.32 -20.31
CA TYR B 231 -18.04 26.02 -20.58
C TYR B 231 -16.87 25.75 -19.65
N SER B 232 -17.06 25.98 -18.36
CA SER B 232 -15.97 25.80 -17.41
C SER B 232 -15.43 24.37 -17.34
N SER B 233 -16.23 23.40 -17.74
CA SER B 233 -15.76 22.04 -17.66
C SER B 233 -15.06 21.58 -18.93
N ARG B 234 -15.52 22.08 -20.08
CA ARG B 234 -14.94 21.73 -21.37
C ARG B 234 -13.79 22.64 -21.81
N SER B 235 -13.67 23.81 -21.19
CA SER B 235 -12.64 24.77 -21.58
C SER B 235 -11.24 24.41 -21.08
N HIS B 236 -10.23 24.91 -21.77
CA HIS B 236 -8.83 24.73 -21.38
C HIS B 236 -8.41 26.16 -21.03
N SER B 237 -7.96 26.38 -19.80
CA SER B 237 -7.56 27.71 -19.38
C SER B 237 -6.04 27.84 -19.32
N VAL B 238 -5.49 28.80 -20.04
CA VAL B 238 -4.06 29.01 -20.06
C VAL B 238 -3.71 30.38 -19.50
N PHE B 239 -3.27 30.41 -18.25
CA PHE B 239 -2.87 31.67 -17.62
C PHE B 239 -1.36 31.73 -17.72
N SER B 240 -0.85 32.74 -18.43
CA SER B 240 0.59 32.86 -18.61
C SER B 240 1.15 34.10 -17.94
N VAL B 241 2.34 33.96 -17.39
CA VAL B 241 3.01 35.09 -16.76
C VAL B 241 4.43 35.16 -17.31
N THR B 242 4.76 36.29 -17.93
CA THR B 242 6.07 36.48 -18.49
C THR B 242 6.82 37.51 -17.65
N ILE B 243 8.05 37.19 -17.26
CA ILE B 243 8.83 38.10 -16.45
C ILE B 243 10.06 38.58 -17.20
N HIS B 244 10.13 39.88 -17.46
CA HIS B 244 11.29 40.45 -18.13
C HIS B 244 12.18 41.00 -17.02
N MET B 245 13.40 40.45 -16.91
CA MET B 245 14.34 40.87 -15.87
C MET B 245 15.60 41.51 -16.47
N LYS B 246 16.19 42.47 -15.80
CA LYS B 246 17.41 43.05 -16.35
C LYS B 246 18.36 43.43 -15.22
N GLU B 247 19.56 42.88 -15.28
CA GLU B 247 20.58 43.16 -14.28
C GLU B 247 21.65 44.07 -14.84
N THR B 248 22.31 44.82 -13.95
CA THR B 248 23.40 45.71 -14.34
C THR B 248 24.62 45.29 -13.52
N THR B 249 25.65 44.76 -14.16
CA THR B 249 26.85 44.35 -13.43
C THR B 249 27.51 45.57 -12.82
N ILE B 250 28.55 45.32 -12.03
CA ILE B 250 29.32 46.38 -11.38
C ILE B 250 30.02 47.24 -12.43
N ASP B 251 30.25 46.65 -13.61
CA ASP B 251 30.92 47.38 -14.68
C ASP B 251 29.94 48.02 -15.67
N GLY B 252 28.70 48.18 -15.22
CA GLY B 252 27.69 48.79 -16.06
C GLY B 252 27.11 48.00 -17.21
N GLU B 253 27.43 46.73 -17.34
CA GLU B 253 26.87 45.94 -18.43
C GLU B 253 25.52 45.38 -18.01
N GLU B 254 24.61 45.27 -18.96
CA GLU B 254 23.30 44.74 -18.65
C GLU B 254 23.16 43.29 -19.08
N LEU B 255 22.57 42.49 -18.21
CA LEU B 255 22.36 41.09 -18.51
C LEU B 255 20.85 40.99 -18.67
N VAL B 256 20.39 40.18 -19.61
CA VAL B 256 18.96 40.06 -19.81
C VAL B 256 18.44 38.63 -19.68
N LYS B 257 17.42 38.47 -18.87
CA LYS B 257 16.75 37.20 -18.64
C LYS B 257 15.28 37.43 -18.93
N ILE B 258 14.61 36.36 -19.35
CA ILE B 258 13.18 36.40 -19.65
C ILE B 258 12.64 35.05 -19.28
N GLY B 259 11.69 35.02 -18.35
CA GLY B 259 11.11 33.77 -17.94
C GLY B 259 9.60 33.77 -18.12
N LYS B 260 9.07 32.65 -18.60
CA LYS B 260 7.64 32.53 -18.81
C LYS B 260 7.09 31.29 -18.11
N LEU B 261 6.01 31.47 -17.36
CA LEU B 261 5.37 30.37 -16.66
C LEU B 261 3.94 30.25 -17.19
N ASN B 262 3.60 29.06 -17.66
CA ASN B 262 2.26 28.82 -18.16
C ASN B 262 1.54 27.92 -17.16
N LEU B 263 0.38 28.38 -16.70
CA LEU B 263 -0.43 27.64 -15.76
C LEU B 263 -1.68 27.19 -16.52
N VAL B 264 -1.76 25.88 -16.76
CA VAL B 264 -2.86 25.32 -17.54
C VAL B 264 -3.83 24.44 -16.78
N ASP B 265 -5.08 24.85 -16.76
CA ASP B 265 -6.19 24.16 -16.12
C ASP B 265 -6.94 23.46 -17.27
N LEU B 266 -6.61 22.21 -17.54
CA LEU B 266 -7.21 21.47 -18.64
C LEU B 266 -8.70 21.16 -18.53
N ALA B 267 -9.32 20.88 -19.67
CA ALA B 267 -10.73 20.50 -19.72
C ALA B 267 -10.84 19.19 -18.93
N GLY B 268 -12.01 18.94 -18.36
CA GLY B 268 -12.21 17.71 -17.60
C GLY B 268 -11.89 16.47 -18.42
N SER B 269 -11.08 15.59 -17.84
CA SER B 269 -10.65 14.38 -18.51
C SER B 269 -11.76 13.39 -18.82
N GLU B 270 -12.95 13.59 -18.27
CA GLU B 270 -14.02 12.68 -18.58
C GLU B 270 -14.46 13.11 -19.99
N ASN B 271 -13.71 14.07 -20.56
CA ASN B 271 -13.98 14.59 -21.90
C ASN B 271 -13.26 13.76 -22.95
N ILE B 272 -12.50 12.76 -22.49
CA ILE B 272 -11.78 11.82 -23.36
C ILE B 272 -12.14 10.42 -22.85
N GLY B 273 -11.18 9.50 -22.78
CA GLY B 273 -11.52 8.18 -22.28
C GLY B 273 -10.74 7.00 -22.84
N ARG B 274 -9.83 6.47 -22.03
CA ARG B 274 -9.00 5.33 -22.39
C ARG B 274 -7.94 5.76 -23.40
N ILE B 288 -15.33 15.41 -30.04
CA ILE B 288 -15.75 16.30 -28.96
C ILE B 288 -14.69 17.33 -28.57
N ASN B 289 -13.73 16.96 -27.74
CA ASN B 289 -12.69 17.92 -27.34
C ASN B 289 -11.38 17.64 -28.07
N GLN B 290 -11.22 18.28 -29.23
CA GLN B 290 -10.03 18.09 -30.05
C GLN B 290 -8.72 18.36 -29.30
N SER B 291 -8.68 19.42 -28.51
CA SER B 291 -7.44 19.72 -27.80
C SER B 291 -7.09 18.66 -26.77
N LEU B 292 -8.09 18.15 -26.05
CA LEU B 292 -7.85 17.12 -25.06
C LEU B 292 -7.38 15.85 -25.75
N LEU B 293 -8.12 15.46 -26.78
CA LEU B 293 -7.80 14.26 -27.56
C LEU B 293 -6.37 14.33 -28.11
N THR B 294 -5.99 15.51 -28.61
CA THR B 294 -4.66 15.68 -29.17
C THR B 294 -3.56 15.65 -28.11
N LEU B 295 -3.83 16.27 -26.95
CA LEU B 295 -2.84 16.26 -25.88
C LEU B 295 -2.46 14.82 -25.57
N GLY B 296 -3.49 13.98 -25.42
CA GLY B 296 -3.27 12.57 -25.12
C GLY B 296 -2.51 11.85 -26.23
N ARG B 297 -2.78 12.21 -27.48
CA ARG B 297 -2.10 11.59 -28.59
C ARG B 297 -0.67 12.08 -28.68
N VAL B 298 -0.47 13.34 -28.29
CA VAL B 298 0.87 13.91 -28.31
C VAL B 298 1.70 13.19 -27.24
N ILE B 299 1.12 13.02 -26.06
CA ILE B 299 1.84 12.33 -25.00
C ILE B 299 2.16 10.89 -25.41
N THR B 300 1.20 10.21 -26.02
CA THR B 300 1.41 8.85 -26.45
C THR B 300 2.58 8.80 -27.43
N ALA B 301 2.58 9.68 -28.44
CA ALA B 301 3.68 9.70 -29.41
C ALA B 301 5.04 9.96 -28.73
N LEU B 302 5.08 10.95 -27.83
CA LEU B 302 6.31 11.26 -27.12
C LEU B 302 6.81 10.06 -26.30
N VAL B 303 5.90 9.41 -25.60
CA VAL B 303 6.24 8.26 -24.76
C VAL B 303 6.69 7.01 -25.53
N GLU B 304 6.18 6.84 -26.75
CA GLU B 304 6.56 5.68 -27.54
C GLU B 304 7.73 6.00 -28.47
N ARG B 305 8.15 7.27 -28.47
CA ARG B 305 9.28 7.74 -29.29
C ARG B 305 8.98 7.80 -30.78
N THR B 306 7.71 7.98 -31.12
CA THR B 306 7.31 8.04 -32.53
C THR B 306 7.75 9.36 -33.17
N PRO B 307 8.54 9.28 -34.24
CA PRO B 307 9.04 10.48 -34.93
C PRO B 307 7.99 11.57 -35.16
N HIS B 308 6.76 11.17 -35.47
CA HIS B 308 5.70 12.14 -35.69
C HIS B 308 4.85 12.37 -34.44
N VAL B 309 4.87 13.59 -33.94
CA VAL B 309 4.08 13.96 -32.77
C VAL B 309 3.12 15.02 -33.33
N PRO B 310 1.82 14.73 -33.28
CA PRO B 310 0.70 15.55 -33.76
C PRO B 310 0.36 16.89 -33.09
N TYR B 311 1.38 17.68 -32.76
CA TYR B 311 1.16 18.99 -32.13
C TYR B 311 0.16 19.85 -32.89
N ARG B 312 0.28 19.87 -34.21
CA ARG B 312 -0.59 20.69 -35.04
C ARG B 312 -2.06 20.27 -35.14
N GLU B 313 -2.42 19.13 -34.57
CA GLU B 313 -3.81 18.71 -34.67
C GLU B 313 -4.77 19.41 -33.70
N SER B 314 -4.26 20.38 -32.92
CA SER B 314 -5.12 21.11 -32.00
C SER B 314 -4.51 22.42 -31.54
N LYS B 315 -5.38 23.38 -31.21
CA LYS B 315 -4.95 24.69 -30.74
C LYS B 315 -4.07 24.56 -29.51
N LEU B 316 -4.54 23.77 -28.54
CA LEU B 316 -3.83 23.56 -27.27
C LEU B 316 -2.40 23.06 -27.42
N THR B 317 -2.21 22.05 -28.26
CA THR B 317 -0.89 21.47 -28.47
C THR B 317 0.03 22.34 -29.33
N ARG B 318 -0.55 23.20 -30.16
CA ARG B 318 0.26 24.08 -30.98
C ARG B 318 0.79 25.18 -30.05
N ILE B 319 -0.11 25.72 -29.24
CA ILE B 319 0.26 26.77 -28.32
C ILE B 319 1.29 26.28 -27.29
N LEU B 320 1.07 25.10 -26.73
CA LEU B 320 1.97 24.57 -25.70
C LEU B 320 2.98 23.54 -26.20
N GLN B 321 3.26 23.58 -27.50
CA GLN B 321 4.20 22.65 -28.12
C GLN B 321 5.51 22.43 -27.36
N ASP B 322 6.15 23.52 -26.96
CA ASP B 322 7.42 23.46 -26.24
C ASP B 322 7.35 22.91 -24.81
N SER B 323 6.13 22.69 -24.33
CA SER B 323 5.93 22.14 -22.98
C SER B 323 5.84 20.62 -23.04
N LEU B 324 5.64 20.09 -24.23
CA LEU B 324 5.51 18.65 -24.39
C LEU B 324 6.70 18.08 -25.16
N GLY B 325 7.76 17.72 -24.43
CA GLY B 325 8.95 17.17 -25.05
C GLY B 325 9.79 18.25 -25.67
N GLY B 326 9.58 19.48 -25.22
CA GLY B 326 10.32 20.61 -25.75
C GLY B 326 11.40 21.06 -24.81
N ARG B 327 11.65 22.36 -24.78
CA ARG B 327 12.69 22.92 -23.93
C ARG B 327 12.14 23.58 -22.66
N THR B 328 10.84 23.44 -22.44
CA THR B 328 10.21 24.02 -21.26
C THR B 328 10.20 22.98 -20.14
N ARG B 329 10.36 23.41 -18.89
CA ARG B 329 10.30 22.47 -17.78
C ARG B 329 8.83 22.25 -17.49
N THR B 330 8.38 21.00 -17.60
CA THR B 330 6.98 20.71 -17.39
C THR B 330 6.67 19.81 -16.19
N SER B 331 5.55 20.14 -15.55
CA SER B 331 5.05 19.38 -14.42
C SER B 331 3.55 19.19 -14.64
N ILE B 332 3.05 18.03 -14.26
CA ILE B 332 1.63 17.75 -14.39
C ILE B 332 1.08 17.40 -13.02
N ILE B 333 -0.03 18.01 -12.66
CA ILE B 333 -0.68 17.73 -11.39
C ILE B 333 -1.98 17.01 -11.70
N ALA B 334 -2.00 15.70 -11.45
CA ALA B 334 -3.20 14.91 -11.70
C ALA B 334 -4.07 14.89 -10.45
N THR B 335 -5.24 15.52 -10.54
CA THR B 335 -6.17 15.58 -9.43
C THR B 335 -7.11 14.38 -9.49
N ILE B 336 -7.42 13.80 -8.34
CA ILE B 336 -8.30 12.65 -8.32
C ILE B 336 -9.29 12.73 -7.17
N SER B 337 -10.31 11.87 -7.24
CA SER B 337 -11.34 11.81 -6.22
C SER B 337 -11.16 10.58 -5.33
N PRO B 338 -11.58 10.68 -4.06
CA PRO B 338 -11.47 9.57 -3.11
C PRO B 338 -12.71 8.69 -3.14
N ALA B 339 -13.79 9.21 -3.72
CA ALA B 339 -15.08 8.49 -3.79
C ALA B 339 -15.08 7.24 -4.68
N SER B 340 -15.61 6.15 -4.13
CA SER B 340 -15.69 4.87 -4.85
C SER B 340 -16.45 5.01 -6.15
N LEU B 341 -17.34 5.99 -6.22
CA LEU B 341 -18.16 6.23 -7.41
C LEU B 341 -17.32 6.74 -8.58
N ASN B 342 -16.14 7.27 -8.28
CA ASN B 342 -15.26 7.81 -9.31
C ASN B 342 -14.11 6.87 -9.60
N LEU B 343 -14.28 5.60 -9.21
CA LEU B 343 -13.25 4.60 -9.40
C LEU B 343 -12.66 4.61 -10.80
N GLU B 344 -13.52 4.34 -11.78
CA GLU B 344 -13.15 4.28 -13.19
C GLU B 344 -12.36 5.50 -13.69
N GLU B 345 -12.87 6.69 -13.40
CA GLU B 345 -12.17 7.90 -13.84
C GLU B 345 -10.84 8.07 -13.12
N THR B 346 -10.83 7.77 -11.83
CA THR B 346 -9.62 7.89 -11.03
C THR B 346 -8.52 7.01 -11.60
N LEU B 347 -8.84 5.76 -11.90
CA LEU B 347 -7.85 4.85 -12.47
C LEU B 347 -7.38 5.38 -13.82
N SER B 348 -8.33 5.78 -14.65
CA SER B 348 -8.00 6.32 -15.97
C SER B 348 -7.02 7.49 -15.84
N THR B 349 -7.32 8.39 -14.92
CA THR B 349 -6.46 9.55 -14.68
C THR B 349 -5.06 9.12 -14.22
N LEU B 350 -5.01 8.21 -13.25
CA LEU B 350 -3.72 7.74 -12.73
C LEU B 350 -2.89 7.05 -13.80
N GLU B 351 -3.54 6.26 -14.65
CA GLU B 351 -2.81 5.58 -15.73
C GLU B 351 -2.27 6.61 -16.73
N TYR B 352 -3.10 7.59 -17.06
CA TYR B 352 -2.73 8.64 -18.00
C TYR B 352 -1.53 9.44 -17.50
N ALA B 353 -1.61 9.89 -16.26
CA ALA B 353 -0.53 10.67 -15.67
C ALA B 353 0.74 9.84 -15.49
N HIS B 354 0.57 8.60 -15.05
CA HIS B 354 1.70 7.72 -14.83
C HIS B 354 2.55 7.56 -16.08
N ARG B 355 1.91 7.27 -17.21
CA ARG B 355 2.67 7.11 -18.45
C ARG B 355 3.34 8.41 -18.86
N ALA B 356 2.78 9.54 -18.45
CA ALA B 356 3.35 10.84 -18.81
C ALA B 356 4.73 11.10 -18.20
N LYS B 357 5.08 10.36 -17.14
CA LYS B 357 6.36 10.56 -16.50
C LYS B 357 7.53 10.15 -17.41
N ASN B 358 7.23 9.46 -18.49
CA ASN B 358 8.27 9.02 -19.43
C ASN B 358 8.59 10.02 -20.53
N ILE B 359 8.11 11.25 -20.38
CA ILE B 359 8.38 12.26 -21.39
C ILE B 359 9.65 13.01 -21.04
N LEU B 360 10.50 13.26 -22.03
CA LEU B 360 11.74 13.99 -21.78
C LEU B 360 11.74 15.35 -22.46
N ASN B 361 12.04 16.39 -21.70
CA ASN B 361 12.13 17.76 -22.19
C ASN B 361 13.54 18.24 -21.88
N LYS B 362 14.09 19.08 -22.65
MG MG C . 9.66 -27.13 9.34
C1 3QC D . 13.80 -27.92 19.49
C2 3QC D . 15.14 -28.42 19.04
C11 3QC D . 12.31 -26.10 20.33
C12 3QC D . 11.27 -27.08 20.51
C13 3QC D . 11.51 -28.44 20.15
C14 3QC D . 12.77 -28.88 19.64
C19 3QC D . 15.83 -23.50 20.36
C20 3QC D . 16.26 -22.63 21.44
C21 3QC D . 16.13 -23.03 22.84
C22 3QC D . 15.60 -24.30 23.21
O28 3QC D . 16.80 -21.39 21.16
C33 3QC D . 13.03 -30.26 19.28
N3 3QC D . 16.21 -27.46 19.10
C4 3QC D . 15.78 -26.17 18.58
C5 3QC D . 14.79 -25.70 19.67
C6 3QC D . 13.57 -26.55 19.80
C17 3QC D . 15.29 -24.79 20.74
C23 3QC D . 15.19 -25.17 22.14
C29 3QC D . 10.44 -29.45 20.26
C38 3QC D . 17.51 -27.78 19.33
N39 3QC D . 17.84 -28.76 20.22
C40 3QC D . 17.04 -29.31 21.33
C44 3QC D . 19.17 -29.33 20.03
O48 3QC D . 18.40 -27.16 18.75
PB ADP E . 9.63 -24.34 7.67
O1B ADP E . 10.03 -25.32 6.63
O2B ADP E . 8.31 -23.72 7.33
O3B ADP E . 9.60 -24.97 8.97
PA ADP E . 11.98 -23.23 8.67
O1A ADP E . 11.55 -23.01 10.08
O2A ADP E . 12.70 -24.45 8.45
O3A ADP E . 10.72 -23.25 7.78
O5' ADP E . 12.81 -21.99 8.20
C5' ADP E . 13.57 -22.12 6.97
C4' ADP E . 14.75 -21.17 6.76
O4' ADP E . 14.27 -19.82 6.87
C3' ADP E . 15.85 -21.37 7.84
O3' ADP E . 17.03 -20.70 7.43
C2' ADP E . 15.16 -20.52 8.90
O2' ADP E . 16.10 -20.06 9.95
C1' ADP E . 14.73 -19.30 8.08
N9 ADP E . 13.75 -18.55 8.84
C8 ADP E . 12.41 -18.82 8.86
N7 ADP E . 11.70 -17.90 9.55
C5 ADP E . 12.60 -16.96 9.98
C6 ADP E . 12.63 -15.75 10.67
N6 ADP E . 11.51 -15.15 11.05
N1 ADP E . 13.80 -15.07 10.92
C2 ADP E . 15.04 -15.52 10.51
N3 ADP E . 15.08 -16.69 9.80
C4 ADP E . 13.91 -17.39 9.54
MG MG F . -12.45 23.46 -13.21
C1 3QC G . -9.39 33.43 -9.77
C2 3QC G . -10.78 33.88 -9.48
C11 3QC G . -7.15 32.59 -9.06
C12 3QC G . -6.68 32.74 -10.40
C13 3QC G . -7.59 33.19 -11.42
C14 3QC G . -8.93 33.54 -11.11
C19 3QC G . -8.61 32.95 -4.93
C20 3QC G . -7.89 33.55 -3.81
C21 3QC G . -7.08 34.73 -3.99
C22 3QC G . -6.95 35.40 -5.27
O28 3QC G . -7.95 32.98 -2.54
C33 3QC G . -9.87 34.02 -12.14
N3 3QC G . -11.12 33.96 -8.08
C4 3QC G . -10.66 32.77 -7.37
C5 3QC G . -9.13 32.96 -7.41
C6 3QC G . -8.52 32.93 -8.77
C17 3QC G . -8.47 33.59 -6.22
C23 3QC G . -7.69 34.80 -6.37
C29 3QC G . -7.17 33.26 -12.82
C38 3QC G . -11.98 34.86 -7.55
N39 3QC G . -12.04 36.15 -8.03
C40 3QC G . -11.01 36.88 -8.75
C44 3QC G . -13.27 36.86 -7.73
O48 3QC G . -12.71 34.50 -6.64
PB ADP H . -12.47 20.83 -11.22
O1B ADP H . -13.74 20.67 -11.96
O2B ADP H . -11.51 19.72 -11.54
O3B ADP H . -11.85 22.12 -11.54
PA ADP H . -13.03 22.08 -8.81
O1A ADP H . -11.79 22.90 -8.64
O2A ADP H . -14.13 22.84 -9.40
O3A ADP H . -12.76 20.89 -9.69
O5' ADP H . -13.44 21.52 -7.42
C5' ADP H . -14.78 20.99 -7.28
C4' ADP H . -15.36 20.88 -5.87
O4' ADP H . -14.46 20.12 -5.05
C3' ADP H . -15.55 22.28 -5.22
O3' ADP H . -16.37 22.14 -4.11
C2' ADP H . -14.09 22.42 -4.77
O2' ADP H . -13.95 23.41 -3.68
C1' ADP H . -13.83 21.04 -4.17
N9 ADP H . -12.41 20.83 -4.02
C8 ADP H . -11.58 20.37 -4.99
N7 ADP H . -10.32 20.15 -4.55
C5 ADP H . -10.32 20.46 -3.22
C6 ADP H . -9.46 20.45 -2.11
N6 ADP H . -8.21 19.99 -2.24
N1 ADP H . -9.85 20.87 -0.86
C2 ADP H . -11.12 21.31 -0.58
N3 ADP H . -12.04 21.33 -1.62
C4 ADP H . -11.65 20.91 -2.88
#